data_1ZZP
#
_entry.id   1ZZP
#
_entity_poly.entity_id   1
_entity_poly.type   'polypeptide(L)'
_entity_poly.pdbx_seq_one_letter_code
;GAMASTRVSLRKTRQPPERIASGAITKGVVLDSTEALCLAISRNSEQMASHSAVLEAGKNLYSFCVSYVDSIQQMRNKFA
FREAINKLENNLRELQICPATAGSGPAATQDFSKLLSSVKEISDIVQRLE
;
_entity_poly.pdbx_strand_id   A
#
# COMPACT_ATOMS: atom_id res chain seq x y z
N SER A 22 -11.19 -2.70 14.21
CA SER A 22 -9.94 -3.38 13.89
C SER A 22 -8.97 -3.28 15.07
N GLY A 23 -9.50 -2.94 16.24
CA GLY A 23 -8.67 -2.81 17.42
C GLY A 23 -8.28 -1.38 17.69
N ALA A 24 -6.99 -1.08 17.56
CA ALA A 24 -6.49 0.26 17.78
C ALA A 24 -5.50 0.67 16.69
N ILE A 25 -5.47 -0.13 15.62
CA ILE A 25 -4.59 0.14 14.49
C ILE A 25 -3.12 0.03 14.87
N THR A 26 -2.54 -1.12 14.57
CA THR A 26 -1.13 -1.37 14.85
C THR A 26 -0.45 -1.95 13.63
N LYS A 27 0.80 -2.37 13.76
CA LYS A 27 1.52 -2.96 12.63
C LYS A 27 0.86 -4.28 12.23
N GLY A 28 0.34 -4.99 13.22
CA GLY A 28 -0.32 -6.25 12.94
C GLY A 28 -1.55 -6.05 12.07
N VAL A 29 -2.35 -5.04 12.42
CA VAL A 29 -3.55 -4.70 11.67
C VAL A 29 -3.16 -4.16 10.30
N VAL A 30 -2.10 -3.35 10.31
CA VAL A 30 -1.57 -2.75 9.11
C VAL A 30 -1.11 -3.81 8.12
N LEU A 31 -0.43 -4.83 8.62
CA LEU A 31 0.05 -5.91 7.77
C LEU A 31 -1.13 -6.62 7.10
N ASP A 32 -2.13 -6.98 7.90
CA ASP A 32 -3.32 -7.64 7.37
C ASP A 32 -3.94 -6.82 6.25
N SER A 33 -3.82 -5.49 6.37
CA SER A 33 -4.37 -4.57 5.36
C SER A 33 -3.47 -4.52 4.13
N THR A 34 -2.16 -4.62 4.32
CA THR A 34 -1.21 -4.60 3.20
C THR A 34 -1.30 -5.89 2.40
N GLU A 35 -1.57 -6.99 3.11
CA GLU A 35 -1.68 -8.31 2.47
C GLU A 35 -3.01 -8.45 1.75
N ALA A 36 -4.10 -8.11 2.45
CA ALA A 36 -5.43 -8.19 1.89
C ALA A 36 -5.50 -7.51 0.53
N LEU A 37 -4.94 -6.30 0.45
CA LEU A 37 -4.93 -5.56 -0.80
C LEU A 37 -4.00 -6.23 -1.80
N CYS A 38 -2.87 -6.74 -1.30
CA CYS A 38 -1.91 -7.43 -2.17
C CYS A 38 -2.61 -8.57 -2.91
N LEU A 39 -3.56 -9.20 -2.23
CA LEU A 39 -4.31 -10.29 -2.83
C LEU A 39 -5.28 -9.75 -3.85
N ALA A 40 -5.81 -8.55 -3.58
CA ALA A 40 -6.72 -7.90 -4.51
C ALA A 40 -6.02 -7.71 -5.84
N ILE A 41 -4.72 -7.43 -5.78
CA ILE A 41 -3.92 -7.25 -6.98
C ILE A 41 -3.72 -8.60 -7.64
N SER A 42 -3.63 -9.62 -6.79
CA SER A 42 -3.45 -11.00 -7.26
C SER A 42 -4.78 -11.51 -7.83
N ARG A 43 -5.84 -10.76 -7.54
CA ARG A 43 -7.17 -11.12 -8.02
C ARG A 43 -7.42 -10.59 -9.43
N ASN A 44 -6.64 -9.59 -9.82
CA ASN A 44 -6.78 -8.98 -11.14
C ASN A 44 -6.29 -9.93 -12.23
N SER A 45 -6.07 -11.19 -11.86
CA SER A 45 -5.62 -12.20 -12.81
C SER A 45 -6.52 -13.43 -12.76
N GLU A 46 -7.19 -13.61 -11.61
CA GLU A 46 -8.10 -14.73 -11.42
C GLU A 46 -9.34 -14.58 -12.28
N GLN A 47 -9.71 -13.33 -12.57
CA GLN A 47 -10.88 -13.04 -13.39
C GLN A 47 -11.03 -11.53 -13.59
N MET A 48 -9.90 -10.87 -13.84
CA MET A 48 -9.85 -9.42 -14.09
C MET A 48 -10.05 -8.62 -12.80
N ALA A 49 -10.91 -9.10 -11.91
CA ALA A 49 -11.18 -8.42 -10.65
C ALA A 49 -11.51 -6.94 -10.87
N SER A 50 -10.66 -6.06 -10.33
CA SER A 50 -10.86 -4.62 -10.49
C SER A 50 -9.69 -3.84 -9.90
N HIS A 51 -9.23 -2.83 -10.63
CA HIS A 51 -8.12 -2.01 -10.17
C HIS A 51 -8.55 -1.20 -8.95
N SER A 52 -9.86 -1.00 -8.82
CA SER A 52 -10.41 -0.24 -7.71
C SER A 52 -10.43 -1.09 -6.43
N ALA A 53 -10.01 -2.34 -6.55
CA ALA A 53 -9.97 -3.25 -5.42
C ALA A 53 -8.69 -3.01 -4.62
N VAL A 54 -7.56 -3.07 -5.31
CA VAL A 54 -6.26 -2.83 -4.70
C VAL A 54 -6.12 -1.37 -4.32
N LEU A 55 -6.81 -0.53 -5.08
CA LEU A 55 -6.82 0.91 -4.87
C LEU A 55 -7.64 1.27 -3.62
N GLU A 56 -8.88 0.79 -3.57
CA GLU A 56 -9.75 1.06 -2.42
C GLU A 56 -9.12 0.52 -1.15
N ALA A 57 -8.68 -0.73 -1.22
CA ALA A 57 -8.02 -1.36 -0.09
C ALA A 57 -6.70 -0.66 0.15
N GLY A 58 -6.16 -0.11 -0.94
CA GLY A 58 -4.91 0.59 -0.89
C GLY A 58 -4.96 1.81 0.02
N LYS A 59 -6.01 2.61 -0.15
CA LYS A 59 -6.19 3.82 0.65
C LYS A 59 -6.42 3.49 2.11
N ASN A 60 -7.22 2.46 2.36
CA ASN A 60 -7.52 2.04 3.73
C ASN A 60 -6.23 1.69 4.47
N LEU A 61 -5.35 0.97 3.79
CA LEU A 61 -4.08 0.55 4.40
C LEU A 61 -3.20 1.74 4.71
N TYR A 62 -3.01 2.63 3.73
CA TYR A 62 -2.19 3.81 3.93
C TYR A 62 -2.74 4.58 5.11
N SER A 63 -4.06 4.53 5.26
CA SER A 63 -4.73 5.20 6.34
C SER A 63 -4.33 4.62 7.69
N PHE A 64 -4.40 3.29 7.84
CA PHE A 64 -4.05 2.67 9.12
C PHE A 64 -2.60 2.92 9.47
N CYS A 65 -1.72 2.78 8.49
CA CYS A 65 -0.29 2.98 8.70
C CYS A 65 -0.02 4.41 9.17
N VAL A 66 -0.55 5.38 8.43
CA VAL A 66 -0.37 6.78 8.75
C VAL A 66 -0.82 7.12 10.17
N SER A 67 -1.89 6.51 10.63
CA SER A 67 -2.39 6.76 11.96
C SER A 67 -1.70 5.89 13.00
N TYR A 68 -0.94 4.90 12.50
CA TYR A 68 -0.21 3.98 13.35
C TYR A 68 1.21 4.46 13.66
N VAL A 69 1.75 5.31 12.78
CA VAL A 69 3.10 5.84 12.97
C VAL A 69 3.15 6.87 14.10
N ASP A 70 1.98 7.29 14.56
CA ASP A 70 1.89 8.25 15.65
C ASP A 70 2.28 7.57 16.96
N SER A 71 2.55 6.27 16.88
CA SER A 71 2.93 5.49 18.04
C SER A 71 4.40 5.05 17.95
N ILE A 72 5.10 5.48 16.90
CA ILE A 72 6.50 5.11 16.75
C ILE A 72 7.34 5.77 17.85
N GLN A 73 7.93 4.95 18.72
CA GLN A 73 8.75 5.45 19.79
C GLN A 73 10.17 5.69 19.29
N GLN A 74 10.56 4.91 18.30
CA GLN A 74 11.88 4.98 17.70
C GLN A 74 12.32 6.42 17.39
N MET A 75 11.43 7.20 16.76
CA MET A 75 11.72 8.61 16.41
C MET A 75 12.52 8.75 15.12
N ARG A 76 13.85 8.79 15.25
CA ARG A 76 14.73 8.95 14.08
C ARG A 76 14.64 7.75 13.13
N ASN A 77 13.79 6.80 13.48
CA ASN A 77 13.57 5.61 12.67
C ASN A 77 12.15 5.62 12.12
N LYS A 78 11.31 6.44 12.76
CA LYS A 78 9.92 6.59 12.34
C LYS A 78 9.89 7.06 10.91
N PHE A 79 10.85 7.91 10.55
CA PHE A 79 10.95 8.44 9.20
C PHE A 79 11.05 7.30 8.20
N ALA A 80 11.87 6.31 8.53
CA ALA A 80 12.06 5.14 7.66
C ALA A 80 10.73 4.46 7.32
N PHE A 81 10.03 3.97 8.35
CA PHE A 81 8.76 3.29 8.14
C PHE A 81 7.72 4.23 7.55
N ARG A 82 7.63 5.42 8.09
CA ARG A 82 6.63 6.41 7.65
C ARG A 82 6.79 6.73 6.17
N GLU A 83 8.00 7.09 5.75
CA GLU A 83 8.25 7.42 4.36
C GLU A 83 7.82 6.25 3.46
N ALA A 84 8.02 5.02 3.93
CA ALA A 84 7.60 3.86 3.17
C ALA A 84 6.09 3.92 2.95
N ILE A 85 5.38 4.34 3.99
CA ILE A 85 3.94 4.49 3.92
C ILE A 85 3.60 5.52 2.85
N ASN A 86 4.39 6.59 2.84
CA ASN A 86 4.22 7.65 1.87
C ASN A 86 4.33 7.09 0.48
N LYS A 87 5.26 6.15 0.28
CA LYS A 87 5.43 5.52 -1.02
C LYS A 87 4.11 4.95 -1.50
N LEU A 88 3.43 4.22 -0.62
CA LEU A 88 2.13 3.64 -0.96
C LEU A 88 1.15 4.75 -1.35
N GLU A 89 1.31 5.91 -0.71
CA GLU A 89 0.42 7.04 -0.98
C GLU A 89 0.48 7.43 -2.46
N ASN A 90 1.67 7.80 -2.92
CA ASN A 90 1.86 8.20 -4.31
C ASN A 90 1.82 6.98 -5.25
N ASN A 91 1.83 5.78 -4.68
CA ASN A 91 1.78 4.56 -5.47
C ASN A 91 0.36 4.36 -5.96
N LEU A 92 -0.58 4.48 -5.03
CA LEU A 92 -1.99 4.34 -5.35
C LEU A 92 -2.40 5.50 -6.24
N ARG A 93 -1.74 6.64 -6.03
CA ARG A 93 -2.01 7.84 -6.81
C ARG A 93 -1.86 7.56 -8.31
N GLU A 94 -0.70 7.04 -8.70
CA GLU A 94 -0.47 6.72 -10.11
C GLU A 94 -1.27 5.48 -10.51
N LEU A 95 -1.69 4.71 -9.51
CA LEU A 95 -2.46 3.50 -9.74
C LEU A 95 -3.92 3.83 -10.03
N GLN A 96 -4.35 5.04 -9.65
CA GLN A 96 -5.73 5.46 -9.86
C GLN A 96 -6.16 5.27 -11.30
N ILE A 97 -6.05 6.31 -12.11
CA ILE A 97 -6.42 6.24 -13.50
C ILE A 97 -5.53 7.12 -14.37
N CYS A 98 -5.34 8.37 -13.96
CA CYS A 98 -4.51 9.31 -14.69
C CYS A 98 -5.12 9.66 -16.05
N PRO A 99 -4.80 10.85 -16.59
CA PRO A 99 -5.33 11.29 -17.88
C PRO A 99 -5.24 10.22 -18.97
N ALA A 100 -4.01 9.90 -19.38
CA ALA A 100 -3.79 8.89 -20.41
C ALA A 100 -2.33 8.47 -20.48
N THR A 101 -1.51 9.04 -19.59
CA THR A 101 -0.09 8.73 -19.55
C THR A 101 0.14 7.22 -19.43
N ALA A 102 -0.60 6.58 -18.52
CA ALA A 102 -0.48 5.15 -18.32
C ALA A 102 -1.00 4.37 -19.52
N GLY A 103 -2.32 4.37 -19.69
CA GLY A 103 -2.93 3.68 -20.81
C GLY A 103 -3.87 4.56 -21.60
N SER A 104 -3.45 4.94 -22.81
CA SER A 104 -4.26 5.80 -23.66
C SER A 104 -5.34 5.00 -24.36
N GLY A 105 -5.26 3.67 -24.26
CA GLY A 105 -6.24 2.81 -24.89
C GLY A 105 -5.69 1.45 -25.23
N PRO A 106 -4.92 1.34 -26.34
CA PRO A 106 -4.35 0.06 -26.78
C PRO A 106 -3.49 -0.58 -25.71
N ALA A 107 -2.42 0.09 -25.33
CA ALA A 107 -1.50 -0.43 -24.32
C ALA A 107 -2.16 -0.43 -22.94
N ALA A 108 -2.23 -1.62 -22.34
CA ALA A 108 -2.82 -1.78 -21.02
C ALA A 108 -1.75 -1.96 -19.95
N THR A 109 -0.92 -2.99 -20.14
CA THR A 109 0.16 -3.30 -19.22
C THR A 109 -0.35 -3.47 -17.79
N GLN A 110 -0.36 -4.72 -17.34
CA GLN A 110 -0.83 -5.03 -16.01
C GLN A 110 0.25 -5.74 -15.19
N ASP A 111 1.12 -4.93 -14.60
CA ASP A 111 2.21 -5.44 -13.77
C ASP A 111 2.39 -4.54 -12.56
N PHE A 112 1.56 -4.76 -11.54
CA PHE A 112 1.60 -3.97 -10.32
C PHE A 112 2.63 -4.49 -9.33
N SER A 113 3.81 -4.86 -9.83
CA SER A 113 4.86 -5.37 -8.96
C SER A 113 5.44 -4.25 -8.11
N LYS A 114 5.14 -3.00 -8.47
CA LYS A 114 5.62 -1.87 -7.72
C LYS A 114 4.91 -1.81 -6.38
N LEU A 115 3.60 -2.03 -6.42
CA LEU A 115 2.80 -2.05 -5.22
C LEU A 115 3.32 -3.15 -4.30
N LEU A 116 3.95 -4.15 -4.91
CA LEU A 116 4.51 -5.27 -4.18
C LEU A 116 5.78 -4.86 -3.44
N SER A 117 6.67 -4.16 -4.14
CA SER A 117 7.92 -3.70 -3.54
C SER A 117 7.65 -2.69 -2.44
N SER A 118 6.63 -1.87 -2.63
CA SER A 118 6.26 -0.84 -1.66
C SER A 118 5.78 -1.45 -0.34
N VAL A 119 4.89 -2.44 -0.44
CA VAL A 119 4.33 -3.10 0.75
C VAL A 119 5.40 -3.80 1.55
N LYS A 120 6.14 -4.68 0.89
CA LYS A 120 7.21 -5.44 1.54
C LYS A 120 8.15 -4.51 2.31
N GLU A 121 8.45 -3.37 1.70
CA GLU A 121 9.34 -2.38 2.30
C GLU A 121 8.82 -1.90 3.66
N ILE A 122 7.58 -1.40 3.69
CA ILE A 122 7.01 -0.90 4.94
C ILE A 122 7.16 -1.90 6.06
N SER A 123 6.65 -3.11 5.85
CA SER A 123 6.75 -4.17 6.84
C SER A 123 8.20 -4.42 7.22
N ASP A 124 9.06 -4.54 6.21
CA ASP A 124 10.48 -4.79 6.42
C ASP A 124 11.10 -3.81 7.41
N ILE A 125 10.52 -2.63 7.53
CA ILE A 125 11.03 -1.62 8.44
C ILE A 125 10.51 -1.75 9.87
N VAL A 126 9.19 -1.85 10.02
CA VAL A 126 8.56 -1.94 11.35
C VAL A 126 9.12 -3.07 12.21
N GLN A 127 9.24 -4.27 11.66
CA GLN A 127 9.73 -5.41 12.45
C GLN A 127 11.14 -5.15 12.98
N ARG A 128 11.98 -4.50 12.17
CA ARG A 128 13.36 -4.19 12.58
C ARG A 128 13.36 -2.78 13.14
N LEU A 129 12.23 -2.41 13.70
CA LEU A 129 12.03 -1.08 14.26
C LEU A 129 11.42 -1.17 15.65
N GLU A 130 10.53 -2.14 15.85
CA GLU A 130 9.87 -2.32 17.14
C GLU A 130 9.87 -3.80 17.55
N SER A 22 -10.81 -3.43 16.78
CA SER A 22 -9.55 -3.50 16.06
C SER A 22 -8.39 -3.03 16.93
N GLY A 23 -8.74 -2.45 18.09
CA GLY A 23 -7.73 -1.97 19.00
C GLY A 23 -7.42 -0.50 18.78
N ALA A 24 -6.20 -0.23 18.34
CA ALA A 24 -5.77 1.14 18.07
C ALA A 24 -4.89 1.19 16.83
N ILE A 25 -4.99 0.14 16.02
CA ILE A 25 -4.22 0.05 14.79
C ILE A 25 -2.72 -0.03 15.06
N THR A 26 -2.16 -1.22 14.87
CA THR A 26 -0.75 -1.44 15.05
C THR A 26 -0.16 -2.00 13.77
N LYS A 27 1.00 -2.64 13.85
CA LYS A 27 1.61 -3.23 12.67
C LYS A 27 0.79 -4.42 12.22
N GLY A 28 0.32 -5.19 13.21
CA GLY A 28 -0.48 -6.37 12.92
C GLY A 28 -1.68 -6.08 12.03
N VAL A 29 -2.43 -5.03 12.36
CA VAL A 29 -3.60 -4.65 11.58
C VAL A 29 -3.15 -4.18 10.21
N VAL A 30 -2.03 -3.45 10.21
CA VAL A 30 -1.46 -2.91 8.99
C VAL A 30 -1.03 -4.02 8.04
N LEU A 31 -0.51 -5.12 8.59
CA LEU A 31 -0.09 -6.25 7.77
C LEU A 31 -1.32 -6.93 7.17
N ASP A 32 -2.30 -7.24 8.00
CA ASP A 32 -3.53 -7.86 7.53
C ASP A 32 -4.10 -7.02 6.39
N SER A 33 -3.84 -5.71 6.45
CA SER A 33 -4.29 -4.78 5.43
C SER A 33 -3.46 -4.92 4.16
N THR A 34 -2.13 -5.02 4.33
CA THR A 34 -1.24 -5.17 3.18
C THR A 34 -1.55 -6.45 2.40
N GLU A 35 -1.91 -7.50 3.13
CA GLU A 35 -2.23 -8.79 2.52
C GLU A 35 -3.54 -8.71 1.72
N ALA A 36 -4.59 -8.23 2.37
CA ALA A 36 -5.90 -8.11 1.73
C ALA A 36 -5.79 -7.43 0.36
N LEU A 37 -5.06 -6.32 0.31
CA LEU A 37 -4.89 -5.59 -0.94
C LEU A 37 -3.93 -6.32 -1.86
N CYS A 38 -2.85 -6.87 -1.29
CA CYS A 38 -1.86 -7.59 -2.07
C CYS A 38 -2.52 -8.72 -2.85
N LEU A 39 -3.47 -9.38 -2.22
CA LEU A 39 -4.21 -10.46 -2.85
C LEU A 39 -5.12 -9.91 -3.94
N ALA A 40 -5.67 -8.72 -3.70
CA ALA A 40 -6.53 -8.09 -4.67
C ALA A 40 -5.77 -7.88 -5.98
N ILE A 41 -4.49 -7.51 -5.84
CA ILE A 41 -3.64 -7.30 -7.00
C ILE A 41 -3.35 -8.66 -7.64
N SER A 42 -3.31 -9.68 -6.79
CA SER A 42 -3.07 -11.04 -7.24
C SER A 42 -4.35 -11.63 -7.83
N ARG A 43 -5.46 -10.94 -7.57
CA ARG A 43 -6.76 -11.37 -8.06
C ARG A 43 -7.10 -10.74 -9.40
N ASN A 44 -6.36 -9.68 -9.75
CA ASN A 44 -6.59 -8.98 -11.01
C ASN A 44 -5.95 -9.74 -12.18
N SER A 45 -5.58 -10.99 -11.95
CA SER A 45 -4.98 -11.82 -12.97
C SER A 45 -5.98 -12.80 -13.56
N GLU A 46 -7.12 -12.96 -12.88
CA GLU A 46 -8.16 -13.87 -13.33
C GLU A 46 -9.30 -13.10 -13.99
N GLN A 47 -9.11 -11.80 -14.16
CA GLN A 47 -10.11 -10.95 -14.79
C GLN A 47 -11.44 -10.98 -14.01
N MET A 48 -11.34 -11.22 -12.71
CA MET A 48 -12.53 -11.27 -11.85
C MET A 48 -12.40 -10.29 -10.69
N ALA A 49 -11.27 -9.58 -10.64
CA ALA A 49 -11.03 -8.61 -9.58
C ALA A 49 -11.26 -7.19 -10.08
N SER A 50 -10.41 -6.27 -9.65
CA SER A 50 -10.53 -4.87 -10.04
C SER A 50 -9.36 -4.05 -9.49
N HIS A 51 -8.86 -3.12 -10.29
CA HIS A 51 -7.75 -2.28 -9.88
C HIS A 51 -8.19 -1.37 -8.73
N SER A 52 -9.50 -1.23 -8.58
CA SER A 52 -10.07 -0.41 -7.52
C SER A 52 -10.04 -1.16 -6.20
N ALA A 53 -9.73 -2.44 -6.27
CA ALA A 53 -9.66 -3.29 -5.08
C ALA A 53 -8.34 -3.03 -4.34
N VAL A 54 -7.26 -2.99 -5.10
CA VAL A 54 -5.93 -2.73 -4.54
C VAL A 54 -5.79 -1.25 -4.20
N LEU A 55 -6.50 -0.43 -4.96
CA LEU A 55 -6.51 1.02 -4.77
C LEU A 55 -7.32 1.41 -3.54
N GLU A 56 -8.55 0.91 -3.46
CA GLU A 56 -9.42 1.20 -2.31
C GLU A 56 -8.82 0.63 -1.04
N ALA A 57 -8.43 -0.64 -1.11
CA ALA A 57 -7.81 -1.31 0.01
C ALA A 57 -6.46 -0.68 0.25
N GLY A 58 -5.89 -0.14 -0.83
CA GLY A 58 -4.61 0.51 -0.76
C GLY A 58 -4.66 1.77 0.09
N LYS A 59 -5.67 2.59 -0.15
CA LYS A 59 -5.85 3.84 0.59
C LYS A 59 -6.02 3.56 2.08
N ASN A 60 -6.84 2.56 2.39
CA ASN A 60 -7.09 2.17 3.77
C ASN A 60 -5.80 1.80 4.48
N LEU A 61 -4.94 1.06 3.79
CA LEU A 61 -3.67 0.65 4.36
C LEU A 61 -2.82 1.86 4.71
N TYR A 62 -2.72 2.80 3.77
CA TYR A 62 -1.94 4.01 3.98
C TYR A 62 -2.46 4.76 5.20
N SER A 63 -3.78 4.71 5.39
CA SER A 63 -4.41 5.42 6.51
C SER A 63 -4.28 4.65 7.81
N PHE A 64 -3.99 3.34 7.76
CA PHE A 64 -3.87 2.59 9.01
C PHE A 64 -2.50 2.85 9.58
N CYS A 65 -1.50 2.80 8.71
CA CYS A 65 -0.13 3.07 9.11
C CYS A 65 0.01 4.54 9.48
N VAL A 66 -0.84 5.36 8.87
CA VAL A 66 -0.83 6.79 9.11
C VAL A 66 -1.25 7.11 10.54
N SER A 67 -2.21 6.35 11.06
CA SER A 67 -2.67 6.55 12.43
C SER A 67 -1.86 5.67 13.38
N TYR A 68 -1.08 4.77 12.81
CA TYR A 68 -0.25 3.85 13.59
C TYR A 68 1.14 4.44 13.85
N VAL A 69 1.62 5.30 12.95
CA VAL A 69 2.94 5.91 13.09
C VAL A 69 2.99 6.84 14.30
N ASP A 70 1.83 7.13 14.87
CA ASP A 70 1.73 8.01 16.03
C ASP A 70 2.29 7.31 17.27
N SER A 71 2.69 6.05 17.11
CA SER A 71 3.22 5.28 18.21
C SER A 71 4.67 4.83 17.96
N ILE A 72 5.23 5.25 16.83
CA ILE A 72 6.61 4.88 16.49
C ILE A 72 7.59 5.24 17.60
N GLN A 73 7.32 6.33 18.30
CA GLN A 73 8.14 6.83 19.41
C GLN A 73 9.56 7.20 18.99
N GLN A 74 10.34 6.20 18.60
CA GLN A 74 11.73 6.36 18.21
C GLN A 74 11.99 7.56 17.27
N MET A 75 10.91 8.16 16.76
CA MET A 75 10.98 9.34 15.87
C MET A 75 11.96 9.20 14.70
N ARG A 76 13.28 9.20 14.97
CA ARG A 76 14.27 9.07 13.90
C ARG A 76 13.92 7.91 12.97
N ASN A 77 13.49 6.81 13.57
CA ASN A 77 13.09 5.61 12.84
C ASN A 77 11.77 5.82 12.13
N LYS A 78 10.93 6.69 12.71
CA LYS A 78 9.62 6.98 12.15
C LYS A 78 9.73 7.46 10.71
N PHE A 79 10.77 8.23 10.41
CA PHE A 79 10.95 8.74 9.05
C PHE A 79 11.02 7.56 8.07
N ALA A 80 11.85 6.58 8.40
CA ALA A 80 12.01 5.39 7.58
C ALA A 80 10.67 4.77 7.19
N PHE A 81 9.95 4.26 8.18
CA PHE A 81 8.66 3.63 7.97
C PHE A 81 7.61 4.59 7.39
N ARG A 82 7.51 5.78 7.99
CA ARG A 82 6.52 6.76 7.56
C ARG A 82 6.69 7.12 6.10
N GLU A 83 7.89 7.58 5.72
CA GLU A 83 8.15 7.93 4.33
C GLU A 83 7.78 6.78 3.41
N ALA A 84 8.01 5.55 3.88
CA ALA A 84 7.65 4.37 3.11
C ALA A 84 6.15 4.35 2.87
N ILE A 85 5.40 4.75 3.90
CA ILE A 85 3.96 4.82 3.80
C ILE A 85 3.59 5.82 2.73
N ASN A 86 4.33 6.92 2.73
CA ASN A 86 4.14 7.99 1.77
C ASN A 86 4.31 7.43 0.36
N LYS A 87 5.34 6.59 0.18
CA LYS A 87 5.59 5.96 -1.11
C LYS A 87 4.32 5.28 -1.61
N LEU A 88 3.62 4.63 -0.69
CA LEU A 88 2.38 3.96 -1.03
C LEU A 88 1.33 4.98 -1.45
N GLU A 89 1.34 6.14 -0.81
CA GLU A 89 0.38 7.20 -1.11
C GLU A 89 0.39 7.52 -2.60
N ASN A 90 1.54 7.96 -3.09
CA ASN A 90 1.70 8.29 -4.50
C ASN A 90 1.51 7.05 -5.37
N ASN A 91 2.05 5.91 -4.94
CA ASN A 91 1.90 4.67 -5.70
C ASN A 91 0.44 4.46 -6.07
N LEU A 92 -0.44 4.66 -5.10
CA LEU A 92 -1.88 4.52 -5.33
C LEU A 92 -2.36 5.63 -6.25
N ARG A 93 -1.82 6.82 -6.03
CA ARG A 93 -2.16 8.00 -6.84
C ARG A 93 -1.97 7.72 -8.32
N GLU A 94 -0.81 7.18 -8.69
CA GLU A 94 -0.53 6.87 -10.08
C GLU A 94 -1.26 5.60 -10.50
N LEU A 95 -1.63 4.80 -9.51
CA LEU A 95 -2.34 3.54 -9.75
C LEU A 95 -3.82 3.81 -10.03
N GLN A 96 -4.25 5.04 -9.79
CA GLN A 96 -5.64 5.42 -10.02
C GLN A 96 -6.04 5.18 -11.47
N ILE A 97 -7.28 5.53 -11.80
CA ILE A 97 -7.77 5.35 -13.16
C ILE A 97 -6.96 6.20 -14.13
N CYS A 98 -6.79 7.48 -13.80
CA CYS A 98 -6.05 8.44 -14.60
C CYS A 98 -6.01 8.08 -16.08
N PRO A 99 -6.92 8.66 -16.86
CA PRO A 99 -7.01 8.43 -18.30
C PRO A 99 -5.79 8.94 -19.05
N ALA A 100 -5.57 10.25 -18.98
CA ALA A 100 -4.44 10.88 -19.65
C ALA A 100 -4.34 12.36 -19.31
N THR A 101 -5.15 12.79 -18.35
CA THR A 101 -5.17 14.17 -17.90
C THR A 101 -3.76 14.67 -17.57
N ALA A 102 -2.99 13.82 -16.91
CA ALA A 102 -1.63 14.17 -16.53
C ALA A 102 -0.68 14.11 -17.73
N GLY A 103 -0.96 13.18 -18.64
CA GLY A 103 -0.13 13.03 -19.83
C GLY A 103 0.14 11.58 -20.18
N SER A 104 -0.93 10.80 -20.30
CA SER A 104 -0.79 9.39 -20.62
C SER A 104 -1.28 9.10 -22.05
N GLY A 105 -1.08 7.86 -22.50
CA GLY A 105 -1.51 7.49 -23.84
C GLY A 105 -1.81 6.00 -23.96
N PRO A 106 -0.76 5.15 -24.00
CA PRO A 106 -0.94 3.70 -24.13
C PRO A 106 -1.68 3.11 -22.94
N ALA A 107 -1.06 3.17 -21.76
CA ALA A 107 -1.66 2.64 -20.54
C ALA A 107 -2.09 1.18 -20.73
N ALA A 108 -1.15 0.26 -20.55
CA ALA A 108 -1.41 -1.16 -20.71
C ALA A 108 -0.52 -1.99 -19.78
N THR A 109 -0.68 -3.31 -19.86
CA THR A 109 0.10 -4.23 -19.04
C THR A 109 0.08 -3.79 -17.60
N GLN A 110 -1.04 -4.09 -16.96
CA GLN A 110 -1.26 -3.75 -15.58
C GLN A 110 -0.59 -4.75 -14.65
N ASP A 111 0.69 -4.54 -14.40
CA ASP A 111 1.45 -5.39 -13.50
C ASP A 111 1.98 -4.56 -12.34
N PHE A 112 1.13 -4.38 -11.34
CA PHE A 112 1.49 -3.57 -10.18
C PHE A 112 2.39 -4.34 -9.21
N SER A 113 3.37 -5.05 -9.75
CA SER A 113 4.30 -5.80 -8.89
C SER A 113 5.14 -4.84 -8.07
N LYS A 114 5.15 -3.56 -8.46
CA LYS A 114 5.90 -2.56 -7.73
C LYS A 114 5.19 -2.27 -6.42
N LEU A 115 3.87 -2.22 -6.47
CA LEU A 115 3.06 -2.01 -5.29
C LEU A 115 3.21 -3.20 -4.37
N LEU A 116 3.75 -4.29 -4.92
CA LEU A 116 3.98 -5.51 -4.17
C LEU A 116 5.26 -5.39 -3.35
N SER A 117 6.33 -4.93 -3.99
CA SER A 117 7.61 -4.76 -3.32
C SER A 117 7.57 -3.55 -2.40
N SER A 118 6.76 -2.56 -2.77
CA SER A 118 6.62 -1.34 -1.98
C SER A 118 5.93 -1.62 -0.66
N VAL A 119 4.80 -2.32 -0.75
CA VAL A 119 4.01 -2.66 0.42
C VAL A 119 4.83 -3.52 1.39
N LYS A 120 5.57 -4.48 0.84
CA LYS A 120 6.39 -5.36 1.64
C LYS A 120 7.49 -4.57 2.34
N GLU A 121 7.97 -3.54 1.67
CA GLU A 121 9.02 -2.68 2.21
C GLU A 121 8.57 -2.05 3.51
N ILE A 122 7.35 -1.50 3.52
CA ILE A 122 6.81 -0.86 4.72
C ILE A 122 6.80 -1.84 5.89
N SER A 123 6.16 -2.98 5.69
CA SER A 123 6.10 -4.02 6.71
C SER A 123 7.50 -4.39 7.20
N ASP A 124 8.42 -4.51 6.25
CA ASP A 124 9.81 -4.86 6.57
C ASP A 124 10.45 -3.84 7.51
N ILE A 125 10.14 -2.56 7.32
CA ILE A 125 10.73 -1.52 8.17
C ILE A 125 10.30 -1.65 9.62
N VAL A 126 9.00 -1.71 9.86
CA VAL A 126 8.47 -1.80 11.23
C VAL A 126 9.05 -3.00 12.00
N GLN A 127 9.18 -4.14 11.35
CA GLN A 127 9.70 -5.34 12.01
C GLN A 127 11.05 -5.08 12.66
N ARG A 128 12.01 -4.61 11.88
CA ARG A 128 13.35 -4.31 12.41
C ARG A 128 13.33 -2.99 13.15
N LEU A 129 12.26 -2.22 12.92
CA LEU A 129 12.10 -0.92 13.54
C LEU A 129 11.99 -1.03 15.06
N GLU A 130 10.84 -1.50 15.55
CA GLU A 130 10.63 -1.67 16.98
C GLU A 130 10.86 -0.35 17.72
N SER A 22 -9.76 -3.62 15.39
CA SER A 22 -8.41 -4.02 15.75
C SER A 22 -8.01 -3.42 17.09
N GLY A 23 -6.71 -3.29 17.30
CA GLY A 23 -6.20 -2.72 18.53
C GLY A 23 -5.62 -1.34 18.30
N ALA A 24 -6.50 -0.34 18.24
CA ALA A 24 -6.10 1.03 18.01
C ALA A 24 -5.17 1.14 16.80
N ILE A 25 -5.24 0.14 15.94
CA ILE A 25 -4.44 0.09 14.73
C ILE A 25 -2.95 0.04 15.03
N THR A 26 -2.36 -1.13 14.80
CA THR A 26 -0.94 -1.33 15.01
C THR A 26 -0.30 -1.84 13.72
N LYS A 27 0.86 -2.46 13.81
CA LYS A 27 1.51 -3.00 12.62
C LYS A 27 0.81 -4.28 12.21
N GLY A 28 0.21 -4.95 13.18
CA GLY A 28 -0.52 -6.18 12.92
C GLY A 28 -1.69 -5.95 11.99
N VAL A 29 -2.47 -4.91 12.28
CA VAL A 29 -3.63 -4.55 11.47
C VAL A 29 -3.16 -4.04 10.12
N VAL A 30 -2.04 -3.32 10.17
CA VAL A 30 -1.44 -2.76 8.99
C VAL A 30 -0.99 -3.85 8.02
N LEU A 31 -0.39 -4.90 8.54
CA LEU A 31 0.06 -6.01 7.71
C LEU A 31 -1.14 -6.66 7.03
N ASP A 32 -2.15 -7.00 7.83
CA ASP A 32 -3.37 -7.60 7.30
C ASP A 32 -3.95 -6.73 6.20
N SER A 33 -3.73 -5.42 6.31
CA SER A 33 -4.22 -4.45 5.34
C SER A 33 -3.34 -4.41 4.10
N THR A 34 -2.03 -4.56 4.29
CA THR A 34 -1.10 -4.56 3.17
C THR A 34 -1.25 -5.85 2.38
N GLU A 35 -1.71 -6.90 3.06
CA GLU A 35 -1.91 -8.19 2.44
C GLU A 35 -3.25 -8.20 1.70
N ALA A 36 -4.29 -7.69 2.37
CA ALA A 36 -5.61 -7.63 1.78
C ALA A 36 -5.57 -7.00 0.40
N LEU A 37 -4.86 -5.87 0.27
CA LEU A 37 -4.74 -5.20 -1.02
C LEU A 37 -3.81 -6.00 -1.94
N CYS A 38 -2.75 -6.54 -1.35
CA CYS A 38 -1.78 -7.34 -2.12
C CYS A 38 -2.49 -8.46 -2.85
N LEU A 39 -3.43 -9.10 -2.16
CA LEU A 39 -4.20 -10.18 -2.75
C LEU A 39 -5.10 -9.64 -3.84
N ALA A 40 -5.67 -8.46 -3.60
CA ALA A 40 -6.54 -7.81 -4.57
C ALA A 40 -5.79 -7.62 -5.88
N ILE A 41 -4.48 -7.48 -5.79
CA ILE A 41 -3.65 -7.34 -6.99
C ILE A 41 -3.50 -8.70 -7.65
N SER A 42 -3.35 -9.73 -6.82
CA SER A 42 -3.24 -11.09 -7.30
C SER A 42 -4.60 -11.58 -7.78
N ARG A 43 -5.62 -10.79 -7.48
CA ARG A 43 -6.99 -11.10 -7.88
C ARG A 43 -7.23 -10.65 -9.32
N ASN A 44 -6.41 -9.73 -9.80
CA ASN A 44 -6.53 -9.21 -11.16
C ASN A 44 -5.46 -9.82 -12.07
N SER A 45 -4.71 -10.77 -11.53
CA SER A 45 -3.64 -11.42 -12.30
C SER A 45 -3.95 -12.89 -12.55
N GLU A 46 -4.47 -13.56 -11.52
CA GLU A 46 -4.80 -14.99 -11.64
C GLU A 46 -6.21 -15.17 -12.16
N GLN A 47 -6.90 -14.06 -12.42
CA GLN A 47 -8.26 -14.08 -12.92
C GLN A 47 -8.70 -12.66 -13.29
N MET A 48 -9.96 -12.33 -12.98
CA MET A 48 -10.49 -11.01 -13.27
C MET A 48 -11.21 -10.43 -12.06
N ALA A 49 -10.61 -9.41 -11.45
CA ALA A 49 -11.19 -8.78 -10.28
C ALA A 49 -11.46 -7.30 -10.55
N SER A 50 -10.60 -6.43 -10.02
CA SER A 50 -10.75 -4.99 -10.20
C SER A 50 -9.56 -4.23 -9.63
N HIS A 51 -9.06 -3.26 -10.39
CA HIS A 51 -7.93 -2.44 -9.95
C HIS A 51 -8.36 -1.57 -8.78
N SER A 52 -9.66 -1.35 -8.67
CA SER A 52 -10.21 -0.53 -7.60
C SER A 52 -10.20 -1.31 -6.29
N ALA A 53 -9.91 -2.60 -6.37
CA ALA A 53 -9.85 -3.46 -5.19
C ALA A 53 -8.53 -3.25 -4.46
N VAL A 54 -7.44 -3.29 -5.22
CA VAL A 54 -6.11 -3.07 -4.66
C VAL A 54 -5.93 -1.60 -4.33
N LEU A 55 -6.51 -0.77 -5.17
CA LEU A 55 -6.45 0.68 -5.00
C LEU A 55 -7.14 1.10 -3.71
N GLU A 56 -8.41 0.71 -3.57
CA GLU A 56 -9.21 1.05 -2.40
C GLU A 56 -8.62 0.45 -1.12
N ALA A 57 -8.30 -0.83 -1.17
CA ALA A 57 -7.73 -1.52 -0.01
C ALA A 57 -6.41 -0.88 0.41
N GLY A 58 -5.75 -0.24 -0.54
CA GLY A 58 -4.49 0.41 -0.23
C GLY A 58 -4.68 1.79 0.37
N LYS A 59 -5.75 2.48 0.01
CA LYS A 59 -6.04 3.79 0.59
C LYS A 59 -6.29 3.59 2.08
N ASN A 60 -6.92 2.46 2.38
CA ASN A 60 -7.22 2.09 3.76
C ASN A 60 -5.94 1.74 4.50
N LEU A 61 -5.08 0.99 3.83
CA LEU A 61 -3.81 0.57 4.40
C LEU A 61 -2.97 1.79 4.76
N TYR A 62 -2.88 2.73 3.83
CA TYR A 62 -2.12 3.95 4.06
C TYR A 62 -2.72 4.72 5.23
N SER A 63 -4.03 4.62 5.36
CA SER A 63 -4.75 5.31 6.42
C SER A 63 -4.51 4.67 7.79
N PHE A 64 -4.21 3.36 7.82
CA PHE A 64 -4.02 2.69 9.10
C PHE A 64 -2.60 2.95 9.59
N CYS A 65 -1.65 2.86 8.67
CA CYS A 65 -0.26 3.10 9.01
C CYS A 65 -0.08 4.55 9.43
N VAL A 66 -0.70 5.45 8.67
CA VAL A 66 -0.63 6.88 8.95
C VAL A 66 -1.09 7.20 10.37
N SER A 67 -2.14 6.54 10.83
CA SER A 67 -2.62 6.80 12.18
C SER A 67 -1.87 5.93 13.18
N TYR A 68 -1.12 4.97 12.67
CA TYR A 68 -0.35 4.04 13.51
C TYR A 68 1.07 4.56 13.79
N VAL A 69 1.59 5.42 12.91
CA VAL A 69 2.93 5.95 13.09
C VAL A 69 2.98 6.92 14.26
N ASP A 70 1.81 7.25 14.81
CA ASP A 70 1.73 8.14 15.95
C ASP A 70 2.16 7.42 17.22
N SER A 71 2.52 6.14 17.08
CA SER A 71 2.96 5.34 18.20
C SER A 71 4.43 4.95 18.08
N ILE A 72 5.09 5.46 17.05
CA ILE A 72 6.49 5.16 16.82
C ILE A 72 7.37 5.82 17.87
N GLN A 73 7.67 5.09 18.94
CA GLN A 73 8.53 5.63 19.99
C GLN A 73 9.88 5.99 19.39
N GLN A 74 10.28 5.17 18.42
CA GLN A 74 11.54 5.35 17.73
C GLN A 74 11.54 6.70 17.03
N MET A 75 12.68 7.07 16.49
CA MET A 75 12.81 8.35 15.82
C MET A 75 13.73 8.25 14.61
N ARG A 76 14.86 7.57 14.78
CA ARG A 76 15.81 7.38 13.70
C ARG A 76 15.35 6.21 12.83
N ASN A 77 14.12 5.77 13.11
CA ASN A 77 13.51 4.66 12.40
C ASN A 77 12.14 5.07 11.87
N LYS A 78 11.48 5.95 12.62
CA LYS A 78 10.16 6.47 12.25
C LYS A 78 10.15 6.96 10.81
N PHE A 79 11.18 7.71 10.44
CA PHE A 79 11.28 8.25 9.09
C PHE A 79 11.24 7.13 8.07
N ALA A 80 12.00 6.09 8.33
CA ALA A 80 12.07 4.93 7.46
C ALA A 80 10.68 4.35 7.16
N PHE A 81 9.97 3.93 8.20
CA PHE A 81 8.64 3.35 8.04
C PHE A 81 7.63 4.35 7.52
N ARG A 82 7.60 5.53 8.12
CA ARG A 82 6.63 6.56 7.74
C ARG A 82 6.75 6.89 6.25
N GLU A 83 7.97 7.21 5.81
CA GLU A 83 8.21 7.53 4.41
C GLU A 83 7.74 6.39 3.51
N ALA A 84 7.92 5.15 3.97
CA ALA A 84 7.48 3.98 3.21
C ALA A 84 5.97 4.05 2.99
N ILE A 85 5.27 4.49 4.02
CA ILE A 85 3.83 4.65 3.95
C ILE A 85 3.49 5.67 2.89
N ASN A 86 4.29 6.73 2.87
CA ASN A 86 4.14 7.81 1.92
C ASN A 86 4.26 7.23 0.51
N LYS A 87 5.20 6.31 0.31
CA LYS A 87 5.38 5.67 -0.98
C LYS A 87 4.06 5.11 -1.48
N LEU A 88 3.37 4.36 -0.62
CA LEU A 88 2.09 3.79 -0.98
C LEU A 88 1.10 4.87 -1.36
N GLU A 89 1.24 6.04 -0.74
CA GLU A 89 0.35 7.17 -1.02
C GLU A 89 0.39 7.53 -2.50
N ASN A 90 1.58 7.89 -2.98
CA ASN A 90 1.79 8.26 -4.38
C ASN A 90 1.73 7.03 -5.29
N ASN A 91 1.72 5.84 -4.70
CA ASN A 91 1.65 4.62 -5.49
C ASN A 91 0.21 4.39 -5.91
N LEU A 92 -0.69 4.59 -4.95
CA LEU A 92 -2.11 4.46 -5.20
C LEU A 92 -2.54 5.58 -6.12
N ARG A 93 -1.88 6.73 -5.96
CA ARG A 93 -2.15 7.90 -6.79
C ARG A 93 -2.03 7.55 -8.27
N GLU A 94 -0.88 7.02 -8.66
CA GLU A 94 -0.65 6.64 -10.05
C GLU A 94 -1.47 5.40 -10.39
N LEU A 95 -1.84 4.63 -9.37
CA LEU A 95 -2.61 3.41 -9.55
C LEU A 95 -4.08 3.73 -9.81
N GLN A 96 -4.50 4.95 -9.47
CA GLN A 96 -5.89 5.37 -9.66
C GLN A 96 -6.35 5.12 -11.08
N ILE A 97 -7.66 5.11 -11.28
CA ILE A 97 -8.22 4.88 -12.60
C ILE A 97 -7.69 5.86 -13.63
N CYS A 98 -8.03 7.14 -13.47
CA CYS A 98 -7.59 8.19 -14.37
C CYS A 98 -8.24 8.01 -15.76
N PRO A 99 -8.57 9.12 -16.45
CA PRO A 99 -9.20 9.06 -17.77
C PRO A 99 -8.43 8.19 -18.76
N ALA A 100 -7.24 8.64 -19.14
CA ALA A 100 -6.41 7.90 -20.08
C ALA A 100 -4.98 8.41 -20.09
N THR A 101 -4.67 9.34 -19.19
CA THR A 101 -3.34 9.91 -19.09
C THR A 101 -2.29 8.81 -18.92
N ALA A 102 -2.69 7.72 -18.27
CA ALA A 102 -1.78 6.59 -18.05
C ALA A 102 -1.72 5.67 -19.26
N GLY A 103 -1.93 6.24 -20.44
CA GLY A 103 -1.90 5.47 -21.66
C GLY A 103 -3.12 5.70 -22.52
N SER A 104 -4.07 4.77 -22.46
CA SER A 104 -5.30 4.89 -23.25
C SER A 104 -6.32 3.83 -22.84
N GLY A 105 -6.37 2.76 -23.62
CA GLY A 105 -7.31 1.68 -23.33
C GLY A 105 -6.72 0.31 -23.61
N PRO A 106 -6.46 -0.03 -24.89
CA PRO A 106 -5.90 -1.32 -25.26
C PRO A 106 -4.52 -1.55 -24.66
N ALA A 107 -3.59 -0.64 -24.96
CA ALA A 107 -2.23 -0.74 -24.45
C ALA A 107 -2.08 0.04 -23.15
N ALA A 108 -2.06 -0.68 -22.02
CA ALA A 108 -1.93 -0.05 -20.71
C ALA A 108 -0.98 -0.83 -19.82
N THR A 109 -1.00 -2.16 -19.95
CA THR A 109 -0.15 -3.03 -19.15
C THR A 109 -0.36 -2.81 -17.67
N GLN A 110 -1.08 -3.74 -17.06
CA GLN A 110 -1.39 -3.65 -15.64
C GLN A 110 -0.56 -4.64 -14.83
N ASP A 111 0.65 -4.23 -14.50
CA ASP A 111 1.57 -5.03 -13.71
C ASP A 111 2.01 -4.24 -12.49
N PHE A 112 1.19 -4.24 -11.46
CA PHE A 112 1.47 -3.48 -10.25
C PHE A 112 2.46 -4.20 -9.34
N SER A 113 3.50 -4.77 -9.93
CA SER A 113 4.51 -5.47 -9.13
C SER A 113 5.27 -4.48 -8.27
N LYS A 114 5.14 -3.20 -8.61
CA LYS A 114 5.80 -2.15 -7.84
C LYS A 114 5.11 -2.02 -6.49
N LEU A 115 3.78 -2.04 -6.53
CA LEU A 115 2.98 -1.98 -5.32
C LEU A 115 3.31 -3.19 -4.46
N LEU A 116 3.85 -4.22 -5.09
CA LEU A 116 4.25 -5.44 -4.41
C LEU A 116 5.52 -5.19 -3.60
N SER A 117 6.51 -4.60 -4.25
CA SER A 117 7.78 -4.29 -3.61
C SER A 117 7.59 -3.22 -2.54
N SER A 118 6.63 -2.33 -2.76
CA SER A 118 6.34 -1.25 -1.84
C SER A 118 5.78 -1.79 -0.53
N VAL A 119 4.89 -2.76 -0.63
CA VAL A 119 4.25 -3.36 0.53
C VAL A 119 5.27 -4.05 1.42
N LYS A 120 6.01 -4.99 0.83
CA LYS A 120 7.04 -5.73 1.54
C LYS A 120 8.01 -4.80 2.24
N GLU A 121 8.30 -3.67 1.62
CA GLU A 121 9.23 -2.70 2.18
C GLU A 121 8.73 -2.12 3.51
N ILE A 122 7.49 -1.63 3.52
CA ILE A 122 6.93 -1.04 4.74
C ILE A 122 7.00 -2.02 5.90
N SER A 123 6.44 -3.21 5.71
CA SER A 123 6.45 -4.23 6.74
C SER A 123 7.88 -4.53 7.20
N ASP A 124 8.78 -4.69 6.25
CA ASP A 124 10.18 -4.98 6.56
C ASP A 124 10.78 -3.95 7.51
N ILE A 125 10.30 -2.71 7.42
CA ILE A 125 10.81 -1.63 8.27
C ILE A 125 10.32 -1.73 9.70
N VAL A 126 9.00 -1.86 9.90
CA VAL A 126 8.44 -1.93 11.25
C VAL A 126 9.05 -3.07 12.07
N GLN A 127 9.23 -4.22 11.43
CA GLN A 127 9.77 -5.39 12.10
C GLN A 127 11.12 -5.10 12.76
N ARG A 128 11.88 -4.20 12.16
CA ARG A 128 13.18 -3.82 12.71
C ARG A 128 13.05 -2.51 13.48
N LEU A 129 11.95 -1.82 13.21
CA LEU A 129 11.65 -0.54 13.86
C LEU A 129 11.57 -0.71 15.37
N GLU A 130 10.38 -1.02 15.85
CA GLU A 130 10.15 -1.21 17.28
C GLU A 130 11.03 -2.34 17.83
N SER A 22 -9.88 -2.71 16.58
CA SER A 22 -8.87 -3.46 15.85
C SER A 22 -7.50 -3.27 16.49
N GLY A 23 -7.48 -3.14 17.82
CA GLY A 23 -6.24 -2.94 18.53
C GLY A 23 -5.67 -1.54 18.32
N ALA A 24 -6.56 -0.55 18.32
CA ALA A 24 -6.18 0.83 18.12
C ALA A 24 -5.24 1.00 16.93
N ILE A 25 -5.28 0.05 16.01
CA ILE A 25 -4.47 0.08 14.82
C ILE A 25 -2.98 -0.01 15.14
N THR A 26 -2.38 -1.13 14.79
CA THR A 26 -0.97 -1.37 14.99
C THR A 26 -0.34 -1.85 13.69
N LYS A 27 0.82 -2.49 13.78
CA LYS A 27 1.47 -3.01 12.58
C LYS A 27 0.74 -4.25 12.11
N GLY A 28 0.17 -4.99 13.06
CA GLY A 28 -0.57 -6.19 12.73
C GLY A 28 -1.76 -5.90 11.83
N VAL A 29 -2.52 -4.87 12.18
CA VAL A 29 -3.68 -4.47 11.39
C VAL A 29 -3.23 -3.95 10.04
N VAL A 30 -2.14 -3.20 10.07
CA VAL A 30 -1.56 -2.63 8.88
C VAL A 30 -1.10 -3.73 7.91
N LEU A 31 -0.45 -4.75 8.43
CA LEU A 31 0.01 -5.85 7.60
C LEU A 31 -1.17 -6.56 6.97
N ASP A 32 -2.19 -6.85 7.76
CA ASP A 32 -3.39 -7.51 7.26
C ASP A 32 -4.02 -6.67 6.15
N SER A 33 -3.88 -5.35 6.27
CA SER A 33 -4.42 -4.41 5.28
C SER A 33 -3.54 -4.36 4.04
N THR A 34 -2.23 -4.47 4.22
CA THR A 34 -1.30 -4.47 3.10
C THR A 34 -1.40 -5.78 2.33
N GLU A 35 -1.80 -6.83 3.06
CA GLU A 35 -1.95 -8.15 2.47
C GLU A 35 -3.27 -8.23 1.70
N ALA A 36 -4.34 -7.77 2.33
CA ALA A 36 -5.66 -7.78 1.71
C ALA A 36 -5.62 -7.13 0.33
N LEU A 37 -4.98 -5.96 0.23
CA LEU A 37 -4.87 -5.27 -1.04
C LEU A 37 -3.93 -6.03 -1.97
N CYS A 38 -2.83 -6.54 -1.41
CA CYS A 38 -1.84 -7.28 -2.17
C CYS A 38 -2.49 -8.48 -2.87
N LEU A 39 -3.37 -9.17 -2.16
CA LEU A 39 -4.06 -10.32 -2.71
C LEU A 39 -4.97 -9.90 -3.85
N ALA A 40 -5.65 -8.76 -3.67
CA ALA A 40 -6.52 -8.24 -4.71
C ALA A 40 -5.75 -8.08 -6.00
N ILE A 41 -4.49 -7.62 -5.89
CA ILE A 41 -3.65 -7.46 -7.06
C ILE A 41 -3.27 -8.83 -7.59
N SER A 42 -3.03 -9.75 -6.67
CA SER A 42 -2.68 -11.12 -7.01
C SER A 42 -3.90 -11.82 -7.58
N ARG A 43 -5.06 -11.20 -7.36
CA ARG A 43 -6.33 -11.73 -7.83
C ARG A 43 -6.68 -11.19 -9.21
N ASN A 44 -6.04 -10.09 -9.58
CA ASN A 44 -6.27 -9.47 -10.88
C ASN A 44 -5.23 -9.93 -11.90
N SER A 45 -4.36 -10.83 -11.47
CA SER A 45 -3.31 -11.35 -12.34
C SER A 45 -3.49 -12.85 -12.60
N GLU A 46 -4.09 -13.54 -11.65
CA GLU A 46 -4.34 -14.98 -11.78
C GLU A 46 -5.82 -15.26 -11.99
N GLN A 47 -6.65 -14.25 -11.70
CA GLN A 47 -8.08 -14.36 -11.85
C GLN A 47 -8.66 -13.05 -12.39
N MET A 48 -9.88 -12.74 -11.98
CA MET A 48 -10.54 -11.51 -12.43
C MET A 48 -11.24 -10.82 -11.27
N ALA A 49 -10.45 -10.26 -10.35
CA ALA A 49 -11.00 -9.56 -9.20
C ALA A 49 -11.42 -8.14 -9.57
N SER A 50 -10.60 -7.16 -9.23
CA SER A 50 -10.92 -5.77 -9.54
C SER A 50 -9.76 -4.82 -9.23
N HIS A 51 -9.52 -3.89 -10.14
CA HIS A 51 -8.46 -2.90 -9.98
C HIS A 51 -8.82 -1.93 -8.86
N SER A 52 -10.12 -1.73 -8.66
CA SER A 52 -10.61 -0.82 -7.63
C SER A 52 -10.53 -1.48 -6.25
N ALA A 53 -10.14 -2.75 -6.21
CA ALA A 53 -10.03 -3.46 -4.94
C ALA A 53 -8.69 -3.14 -4.28
N VAL A 54 -7.62 -3.26 -5.04
CA VAL A 54 -6.28 -2.97 -4.55
C VAL A 54 -6.13 -1.48 -4.24
N LEU A 55 -6.71 -0.66 -5.11
CA LEU A 55 -6.65 0.79 -4.96
C LEU A 55 -7.40 1.24 -3.70
N GLU A 56 -8.68 0.87 -3.61
CA GLU A 56 -9.51 1.23 -2.47
C GLU A 56 -8.95 0.68 -1.15
N ALA A 57 -8.52 -0.58 -1.19
CA ALA A 57 -7.96 -1.23 0.00
C ALA A 57 -6.67 -0.55 0.44
N GLY A 58 -5.79 -0.28 -0.52
CA GLY A 58 -4.54 0.36 -0.20
C GLY A 58 -4.72 1.75 0.37
N LYS A 59 -5.78 2.45 -0.03
CA LYS A 59 -6.06 3.76 0.51
C LYS A 59 -6.34 3.61 2.00
N ASN A 60 -7.14 2.60 2.31
CA ASN A 60 -7.50 2.29 3.68
C ASN A 60 -6.27 1.91 4.49
N LEU A 61 -5.36 1.18 3.84
CA LEU A 61 -4.12 0.73 4.46
C LEU A 61 -3.22 1.91 4.80
N TYR A 62 -3.01 2.78 3.81
CA TYR A 62 -2.17 3.95 4.00
C TYR A 62 -2.65 4.71 5.22
N SER A 63 -3.97 4.70 5.39
CA SER A 63 -4.59 5.38 6.50
C SER A 63 -4.25 4.70 7.82
N PHE A 64 -4.42 3.37 7.93
CA PHE A 64 -4.10 2.70 9.19
C PHE A 64 -2.67 2.96 9.60
N CYS A 65 -1.78 2.87 8.62
CA CYS A 65 -0.37 3.12 8.86
C CYS A 65 -0.18 4.55 9.36
N VAL A 66 -1.08 5.44 8.93
CA VAL A 66 -1.04 6.85 9.29
C VAL A 66 -1.39 7.04 10.77
N SER A 67 -2.33 6.25 11.26
CA SER A 67 -2.75 6.33 12.66
C SER A 67 -1.91 5.42 13.55
N TYR A 68 -1.09 4.59 12.92
CA TYR A 68 -0.23 3.67 13.64
C TYR A 68 1.17 4.25 13.86
N VAL A 69 1.61 5.11 12.94
CA VAL A 69 2.92 5.74 13.05
C VAL A 69 3.02 6.59 14.32
N ASP A 70 1.88 6.82 14.95
CA ASP A 70 1.81 7.59 16.18
C ASP A 70 2.21 6.71 17.36
N SER A 71 2.70 5.51 17.05
CA SER A 71 3.10 4.56 18.07
C SER A 71 4.60 4.25 17.95
N ILE A 72 5.21 4.73 16.87
CA ILE A 72 6.63 4.52 16.64
C ILE A 72 7.46 5.05 17.80
N GLN A 73 7.99 4.15 18.62
CA GLN A 73 8.80 4.55 19.77
C GLN A 73 10.10 5.18 19.29
N GLN A 74 10.77 4.49 18.36
CA GLN A 74 12.02 4.95 17.83
C GLN A 74 11.83 6.30 17.18
N MET A 75 12.88 6.80 16.55
CA MET A 75 12.82 8.10 15.94
C MET A 75 13.77 8.22 14.76
N ARG A 76 14.96 7.65 14.90
CA ARG A 76 15.93 7.67 13.82
C ARG A 76 15.50 6.69 12.75
N ASN A 77 14.39 6.01 13.01
CA ASN A 77 13.83 5.02 12.10
C ASN A 77 12.45 5.49 11.59
N LYS A 78 11.79 6.31 12.39
CA LYS A 78 10.48 6.84 12.06
C LYS A 78 10.42 7.31 10.61
N PHE A 79 11.41 8.10 10.23
CA PHE A 79 11.47 8.61 8.87
C PHE A 79 11.46 7.47 7.85
N ALA A 80 12.22 6.42 8.14
CA ALA A 80 12.29 5.26 7.25
C ALA A 80 10.91 4.66 6.96
N PHE A 81 10.22 4.20 8.00
CA PHE A 81 8.91 3.59 7.85
C PHE A 81 7.86 4.60 7.39
N ARG A 82 7.82 5.75 8.06
CA ARG A 82 6.83 6.77 7.74
C ARG A 82 6.87 7.14 6.26
N GLU A 83 8.06 7.52 5.79
CA GLU A 83 8.25 7.88 4.39
C GLU A 83 7.87 6.72 3.48
N ALA A 84 8.11 5.49 3.93
CA ALA A 84 7.76 4.31 3.15
C ALA A 84 6.27 4.29 2.89
N ILE A 85 5.51 4.70 3.90
CA ILE A 85 4.06 4.75 3.79
C ILE A 85 3.68 5.81 2.76
N ASN A 86 4.46 6.88 2.74
CA ASN A 86 4.25 7.97 1.82
C ASN A 86 4.40 7.45 0.39
N LYS A 87 5.28 6.46 0.23
CA LYS A 87 5.50 5.85 -1.08
C LYS A 87 4.23 5.18 -1.55
N LEU A 88 3.63 4.37 -0.67
CA LEU A 88 2.38 3.69 -0.99
C LEU A 88 1.31 4.72 -1.37
N GLU A 89 1.37 5.88 -0.71
CA GLU A 89 0.42 6.94 -0.97
C GLU A 89 0.43 7.35 -2.44
N ASN A 90 1.60 7.77 -2.92
CA ASN A 90 1.75 8.18 -4.30
C ASN A 90 1.75 6.98 -5.24
N ASN A 91 1.79 5.78 -4.67
CA ASN A 91 1.79 4.56 -5.48
C ASN A 91 0.37 4.28 -5.92
N LEU A 92 -0.55 4.35 -4.96
CA LEU A 92 -1.95 4.14 -5.24
C LEU A 92 -2.43 5.28 -6.14
N ARG A 93 -1.86 6.46 -5.91
CA ARG A 93 -2.19 7.65 -6.68
C ARG A 93 -2.00 7.41 -8.17
N GLU A 94 -0.84 6.89 -8.56
CA GLU A 94 -0.58 6.62 -9.97
C GLU A 94 -1.29 5.36 -10.41
N LEU A 95 -1.61 4.50 -9.44
CA LEU A 95 -2.30 3.25 -9.70
C LEU A 95 -3.73 3.50 -10.14
N GLN A 96 -4.23 4.72 -9.87
CA GLN A 96 -5.60 5.07 -10.24
C GLN A 96 -5.87 4.69 -11.69
N ILE A 97 -6.99 3.99 -11.91
CA ILE A 97 -7.35 3.55 -13.25
C ILE A 97 -7.43 4.73 -14.23
N CYS A 98 -8.21 5.76 -13.87
CA CYS A 98 -8.36 6.94 -14.71
C CYS A 98 -9.31 7.95 -14.08
N PRO A 99 -9.00 9.26 -14.17
CA PRO A 99 -9.85 10.31 -13.62
C PRO A 99 -11.25 10.25 -14.19
N ALA A 100 -11.31 9.93 -15.48
CA ALA A 100 -12.58 9.81 -16.22
C ALA A 100 -13.19 11.18 -16.46
N THR A 101 -12.49 12.22 -16.04
CA THR A 101 -12.95 13.58 -16.22
C THR A 101 -12.65 14.07 -17.63
N ALA A 102 -11.61 13.51 -18.23
CA ALA A 102 -11.22 13.89 -19.58
C ALA A 102 -11.97 13.08 -20.63
N GLY A 103 -11.68 11.77 -20.69
CA GLY A 103 -12.35 10.92 -21.65
C GLY A 103 -12.45 9.48 -21.18
N SER A 104 -11.50 9.06 -20.33
CA SER A 104 -11.48 7.70 -19.80
C SER A 104 -11.25 6.68 -20.91
N GLY A 105 -10.90 5.46 -20.52
CA GLY A 105 -10.66 4.41 -21.49
C GLY A 105 -9.91 3.23 -20.89
N PRO A 106 -10.27 2.00 -21.29
CA PRO A 106 -9.62 0.79 -20.77
C PRO A 106 -8.10 0.85 -20.90
N ALA A 107 -7.44 1.05 -19.76
CA ALA A 107 -5.98 1.14 -19.73
C ALA A 107 -5.34 -0.22 -19.98
N ALA A 108 -5.88 -1.26 -19.34
CA ALA A 108 -5.37 -2.62 -19.50
C ALA A 108 -3.93 -2.72 -19.02
N THR A 109 -3.33 -3.89 -19.22
CA THR A 109 -1.95 -4.14 -18.80
C THR A 109 -1.72 -3.68 -17.38
N GLN A 110 -2.24 -4.48 -16.47
CA GLN A 110 -2.14 -4.22 -15.06
C GLN A 110 -0.86 -4.79 -14.46
N ASP A 111 0.22 -4.03 -14.55
CA ASP A 111 1.51 -4.44 -14.02
C ASP A 111 1.79 -3.70 -12.73
N PHE A 112 1.20 -4.19 -11.64
CA PHE A 112 1.35 -3.54 -10.34
C PHE A 112 2.32 -4.30 -9.44
N SER A 113 3.43 -4.76 -9.99
CA SER A 113 4.42 -5.47 -9.18
C SER A 113 5.16 -4.49 -8.28
N LYS A 114 5.05 -3.20 -8.62
CA LYS A 114 5.66 -2.17 -7.84
C LYS A 114 4.99 -2.09 -6.50
N LEU A 115 3.67 -1.97 -6.54
CA LEU A 115 2.86 -1.94 -5.34
C LEU A 115 3.23 -3.13 -4.45
N LEU A 116 3.71 -4.19 -5.10
CA LEU A 116 4.11 -5.41 -4.40
C LEU A 116 5.41 -5.16 -3.63
N SER A 117 6.39 -4.60 -4.32
CA SER A 117 7.69 -4.30 -3.70
C SER A 117 7.54 -3.25 -2.61
N SER A 118 6.61 -2.31 -2.80
CA SER A 118 6.38 -1.24 -1.83
C SER A 118 5.91 -1.81 -0.49
N VAL A 119 4.95 -2.72 -0.54
CA VAL A 119 4.40 -3.32 0.67
C VAL A 119 5.47 -4.07 1.45
N LYS A 120 6.21 -4.92 0.76
CA LYS A 120 7.28 -5.69 1.39
C LYS A 120 8.21 -4.79 2.19
N GLU A 121 8.56 -3.66 1.59
CA GLU A 121 9.45 -2.69 2.22
C GLU A 121 8.91 -2.16 3.55
N ILE A 122 7.70 -1.61 3.55
CA ILE A 122 7.12 -1.06 4.78
C ILE A 122 7.19 -2.06 5.92
N SER A 123 6.65 -3.24 5.70
CA SER A 123 6.65 -4.29 6.70
C SER A 123 8.07 -4.56 7.21
N ASP A 124 9.01 -4.72 6.27
CA ASP A 124 10.40 -4.98 6.62
C ASP A 124 10.96 -3.95 7.60
N ILE A 125 10.43 -2.73 7.55
CA ILE A 125 10.91 -1.66 8.43
C ILE A 125 10.37 -1.79 9.85
N VAL A 126 9.06 -1.93 10.00
CA VAL A 126 8.44 -2.02 11.33
C VAL A 126 8.98 -3.17 12.19
N GLN A 127 9.12 -4.34 11.60
CA GLN A 127 9.59 -5.53 12.31
C GLN A 127 10.78 -5.23 13.22
N ARG A 128 11.72 -4.42 12.74
CA ARG A 128 12.89 -4.07 13.53
C ARG A 128 12.56 -2.90 14.45
N LEU A 129 11.57 -2.12 14.05
CA LEU A 129 11.11 -0.97 14.81
C LEU A 129 10.42 -1.40 16.11
N GLU A 130 9.30 -2.10 15.97
CA GLU A 130 8.54 -2.58 17.12
C GLU A 130 8.25 -1.45 18.10
N SER A 22 -10.85 -1.88 16.08
CA SER A 22 -10.05 -2.54 15.05
C SER A 22 -8.59 -2.70 15.50
N GLY A 23 -8.41 -3.33 16.65
CA GLY A 23 -7.06 -3.54 17.18
C GLY A 23 -6.31 -2.24 17.37
N ALA A 24 -7.05 -1.17 17.62
CA ALA A 24 -6.46 0.16 17.82
C ALA A 24 -5.43 0.50 16.74
N ILE A 25 -5.50 -0.20 15.62
CA ILE A 25 -4.60 0.04 14.51
C ILE A 25 -3.14 -0.15 14.90
N THR A 26 -2.61 -1.33 14.60
CA THR A 26 -1.23 -1.66 14.90
C THR A 26 -0.54 -2.18 13.65
N LYS A 27 0.71 -2.59 13.76
CA LYS A 27 1.41 -3.13 12.61
C LYS A 27 0.76 -4.42 12.16
N GLY A 28 0.26 -5.19 13.12
CA GLY A 28 -0.42 -6.43 12.79
C GLY A 28 -1.64 -6.19 11.93
N VAL A 29 -2.41 -5.17 12.31
CA VAL A 29 -3.61 -4.78 11.57
C VAL A 29 -3.21 -4.20 10.23
N VAL A 30 -2.16 -3.40 10.26
CA VAL A 30 -1.63 -2.76 9.07
C VAL A 30 -1.18 -3.80 8.05
N LEU A 31 -0.49 -4.83 8.52
CA LEU A 31 -0.01 -5.90 7.63
C LEU A 31 -1.19 -6.58 6.96
N ASP A 32 -2.20 -6.94 7.74
CA ASP A 32 -3.39 -7.58 7.21
C ASP A 32 -4.02 -6.71 6.11
N SER A 33 -3.87 -5.40 6.26
CA SER A 33 -4.39 -4.45 5.28
C SER A 33 -3.51 -4.37 4.04
N THR A 34 -2.21 -4.51 4.22
CA THR A 34 -1.28 -4.49 3.10
C THR A 34 -1.39 -5.79 2.31
N GLU A 35 -1.75 -6.86 3.01
CA GLU A 35 -1.90 -8.16 2.40
C GLU A 35 -3.24 -8.24 1.67
N ALA A 36 -4.30 -7.79 2.34
CA ALA A 36 -5.63 -7.79 1.75
C ALA A 36 -5.63 -7.14 0.38
N LEU A 37 -4.99 -5.98 0.28
CA LEU A 37 -4.92 -5.28 -1.00
C LEU A 37 -4.02 -6.05 -1.96
N CYS A 38 -2.92 -6.60 -1.43
CA CYS A 38 -1.99 -7.37 -2.23
C CYS A 38 -2.70 -8.54 -2.92
N LEU A 39 -3.59 -9.20 -2.18
CA LEU A 39 -4.34 -10.31 -2.73
C LEU A 39 -5.26 -9.85 -3.83
N ALA A 40 -5.87 -8.67 -3.62
CA ALA A 40 -6.75 -8.11 -4.64
C ALA A 40 -5.99 -7.95 -5.94
N ILE A 41 -4.69 -7.65 -5.82
CA ILE A 41 -3.84 -7.50 -6.99
C ILE A 41 -3.59 -8.87 -7.59
N SER A 42 -3.59 -9.88 -6.72
CA SER A 42 -3.37 -11.25 -7.13
C SER A 42 -4.68 -11.84 -7.67
N ARG A 43 -5.77 -11.13 -7.40
CA ARG A 43 -7.09 -11.56 -7.83
C ARG A 43 -7.50 -10.89 -9.14
N ASN A 44 -6.80 -9.82 -9.49
CA ASN A 44 -7.09 -9.10 -10.73
C ASN A 44 -6.74 -9.93 -11.96
N SER A 45 -6.49 -11.23 -11.76
CA SER A 45 -6.16 -12.12 -12.85
C SER A 45 -6.86 -13.48 -12.69
N GLU A 46 -7.21 -13.81 -11.45
CA GLU A 46 -7.88 -15.09 -11.16
C GLU A 46 -9.35 -15.06 -11.57
N GLN A 47 -9.98 -13.90 -11.42
CA GLN A 47 -11.38 -13.74 -11.77
C GLN A 47 -11.77 -12.27 -11.82
N MET A 48 -10.81 -11.42 -12.17
CA MET A 48 -11.02 -9.98 -12.27
C MET A 48 -11.46 -9.38 -10.94
N ALA A 49 -10.49 -8.84 -10.20
CA ALA A 49 -10.76 -8.22 -8.91
C ALA A 49 -10.89 -6.72 -9.06
N SER A 50 -10.33 -6.20 -10.16
CA SER A 50 -10.36 -4.78 -10.47
C SER A 50 -9.31 -4.01 -9.70
N HIS A 51 -8.70 -3.03 -10.37
CA HIS A 51 -7.67 -2.21 -9.75
C HIS A 51 -8.27 -1.40 -8.60
N SER A 52 -9.58 -1.13 -8.70
CA SER A 52 -10.28 -0.37 -7.67
C SER A 52 -10.31 -1.16 -6.37
N ALA A 53 -9.91 -2.42 -6.44
CA ALA A 53 -9.88 -3.29 -5.27
C ALA A 53 -8.60 -3.05 -4.47
N VAL A 54 -7.47 -3.10 -5.17
CA VAL A 54 -6.16 -2.86 -4.55
C VAL A 54 -6.02 -1.38 -4.23
N LEU A 55 -6.59 -0.55 -5.08
CA LEU A 55 -6.56 0.89 -4.91
C LEU A 55 -7.32 1.30 -3.64
N GLU A 56 -8.56 0.85 -3.55
CA GLU A 56 -9.41 1.15 -2.40
C GLU A 56 -8.84 0.56 -1.11
N ALA A 57 -8.41 -0.70 -1.18
CA ALA A 57 -7.86 -1.39 -0.02
C ALA A 57 -6.55 -0.75 0.44
N GLY A 58 -5.79 -0.25 -0.53
CA GLY A 58 -4.53 0.38 -0.19
C GLY A 58 -4.71 1.76 0.41
N LYS A 59 -5.77 2.45 0.01
CA LYS A 59 -6.07 3.76 0.58
C LYS A 59 -6.37 3.59 2.06
N ASN A 60 -7.10 2.51 2.35
CA ASN A 60 -7.47 2.16 3.71
C ASN A 60 -6.21 1.80 4.51
N LEU A 61 -5.30 1.09 3.85
CA LEU A 61 -4.05 0.67 4.46
C LEU A 61 -3.19 1.86 4.80
N TYR A 62 -3.00 2.76 3.83
CA TYR A 62 -2.19 3.95 4.05
C TYR A 62 -2.76 4.71 5.23
N SER A 63 -4.08 4.62 5.36
CA SER A 63 -4.77 5.26 6.44
C SER A 63 -4.37 4.67 7.79
N PHE A 64 -4.41 3.34 7.92
CA PHE A 64 -4.05 2.70 9.19
C PHE A 64 -2.60 2.97 9.54
N CYS A 65 -1.72 2.86 8.56
CA CYS A 65 -0.31 3.08 8.76
C CYS A 65 -0.06 4.50 9.29
N VAL A 66 -0.63 5.49 8.60
CA VAL A 66 -0.50 6.88 8.96
C VAL A 66 -0.94 7.14 10.40
N SER A 67 -1.97 6.46 10.84
CA SER A 67 -2.48 6.64 12.19
C SER A 67 -1.75 5.71 13.16
N TYR A 68 -0.98 4.78 12.60
CA TYR A 68 -0.22 3.82 13.39
C TYR A 68 1.18 4.35 13.72
N VAL A 69 1.71 5.22 12.87
CA VAL A 69 3.03 5.79 13.09
C VAL A 69 3.04 6.74 14.28
N ASP A 70 1.86 7.07 14.77
CA ASP A 70 1.73 7.97 15.91
C ASP A 70 2.18 7.26 17.18
N SER A 71 2.53 5.98 17.04
CA SER A 71 2.97 5.17 18.16
C SER A 71 4.46 4.82 18.05
N ILE A 72 5.10 5.28 16.97
CA ILE A 72 6.53 5.02 16.78
C ILE A 72 7.31 5.48 18.02
N GLN A 73 7.72 4.55 18.87
CA GLN A 73 8.48 4.91 20.06
C GLN A 73 9.89 5.32 19.68
N GLN A 74 10.47 4.61 18.71
CA GLN A 74 11.79 4.89 18.22
C GLN A 74 11.83 6.30 17.68
N MET A 75 13.00 6.73 17.22
CA MET A 75 13.13 8.07 16.72
C MET A 75 13.94 8.13 15.41
N ARG A 76 15.00 7.33 15.34
CA ARG A 76 15.82 7.28 14.14
C ARG A 76 15.26 6.22 13.19
N ASN A 77 13.94 6.06 13.22
CA ASN A 77 13.24 5.08 12.40
C ASN A 77 12.02 5.70 11.73
N LYS A 78 11.37 6.63 12.43
CA LYS A 78 10.17 7.31 11.95
C LYS A 78 10.26 7.58 10.46
N PHE A 79 11.30 8.26 10.05
CA PHE A 79 11.48 8.61 8.65
C PHE A 79 11.45 7.36 7.77
N ALA A 80 12.20 6.33 8.15
CA ALA A 80 12.22 5.09 7.38
C ALA A 80 10.81 4.59 7.08
N PHE A 81 10.09 4.20 8.11
CA PHE A 81 8.73 3.67 7.95
C PHE A 81 7.74 4.71 7.42
N ARG A 82 7.73 5.89 8.02
CA ARG A 82 6.78 6.94 7.64
C ARG A 82 6.85 7.26 6.15
N GLU A 83 8.00 7.77 5.71
CA GLU A 83 8.19 8.12 4.30
C GLU A 83 7.81 6.93 3.44
N ALA A 84 8.14 5.74 3.93
CA ALA A 84 7.80 4.51 3.20
C ALA A 84 6.29 4.46 2.97
N ILE A 85 5.53 4.86 3.99
CA ILE A 85 4.08 4.90 3.89
C ILE A 85 3.70 5.87 2.79
N ASN A 86 4.43 6.98 2.75
CA ASN A 86 4.21 8.02 1.77
C ASN A 86 4.39 7.44 0.37
N LYS A 87 5.28 6.47 0.23
CA LYS A 87 5.52 5.83 -1.06
C LYS A 87 4.26 5.15 -1.53
N LEU A 88 3.65 4.35 -0.65
CA LEU A 88 2.41 3.66 -1.01
C LEU A 88 1.33 4.68 -1.39
N GLU A 89 1.36 5.83 -0.73
CA GLU A 89 0.39 6.88 -0.99
C GLU A 89 0.40 7.25 -2.47
N ASN A 90 1.57 7.65 -2.96
CA ASN A 90 1.72 8.03 -4.36
C ASN A 90 1.46 6.85 -5.29
N ASN A 91 1.93 5.66 -4.90
CA ASN A 91 1.73 4.46 -5.69
C ASN A 91 0.26 4.31 -6.05
N LEU A 92 -0.59 4.44 -5.03
CA LEU A 92 -2.03 4.35 -5.23
C LEU A 92 -2.50 5.54 -6.06
N ARG A 93 -1.91 6.69 -5.79
CA ARG A 93 -2.23 7.93 -6.49
C ARG A 93 -2.09 7.77 -7.99
N GLU A 94 -1.08 7.02 -8.40
CA GLU A 94 -0.85 6.76 -9.82
C GLU A 94 -1.57 5.49 -10.29
N LEU A 95 -2.01 4.67 -9.33
CA LEU A 95 -2.66 3.38 -9.63
C LEU A 95 -4.17 3.49 -9.84
N GLN A 96 -4.80 4.53 -9.31
CA GLN A 96 -6.26 4.68 -9.46
C GLN A 96 -6.68 4.79 -10.93
N ILE A 97 -5.81 5.34 -11.76
CA ILE A 97 -6.10 5.47 -13.19
C ILE A 97 -4.96 6.12 -13.97
N CYS A 98 -4.52 7.29 -13.50
CA CYS A 98 -3.43 8.03 -14.14
C CYS A 98 -3.86 8.53 -15.52
N PRO A 99 -3.43 9.75 -15.91
CA PRO A 99 -3.78 10.34 -17.21
C PRO A 99 -3.24 9.53 -18.38
N ALA A 100 -1.92 9.48 -18.50
CA ALA A 100 -1.27 8.74 -19.58
C ALA A 100 0.22 8.54 -19.30
N THR A 101 0.69 9.15 -18.21
CA THR A 101 2.09 9.05 -17.83
C THR A 101 2.50 7.59 -17.63
N ALA A 102 1.55 6.76 -17.18
CA ALA A 102 1.82 5.36 -16.94
C ALA A 102 0.55 4.52 -17.03
N GLY A 103 0.51 3.62 -18.01
CA GLY A 103 -0.65 2.77 -18.19
C GLY A 103 -1.94 3.57 -18.36
N SER A 104 -2.19 4.03 -19.58
CA SER A 104 -3.39 4.81 -19.86
C SER A 104 -4.65 3.97 -19.66
N GLY A 105 -5.12 3.37 -20.75
CA GLY A 105 -6.31 2.54 -20.69
C GLY A 105 -6.06 1.19 -20.05
N PRO A 106 -7.01 0.27 -20.16
CA PRO A 106 -6.87 -1.07 -19.57
C PRO A 106 -5.85 -1.92 -20.34
N ALA A 107 -5.47 -1.45 -21.52
CA ALA A 107 -4.50 -2.16 -22.35
C ALA A 107 -3.17 -1.42 -22.39
N ALA A 108 -2.23 -1.86 -21.56
CA ALA A 108 -0.92 -1.23 -21.50
C ALA A 108 0.12 -2.19 -20.92
N THR A 109 -0.11 -2.59 -19.67
CA THR A 109 0.78 -3.50 -18.98
C THR A 109 0.32 -3.75 -17.56
N GLN A 110 -0.17 -4.95 -17.32
CA GLN A 110 -0.65 -5.34 -16.02
C GLN A 110 0.44 -6.03 -15.22
N ASP A 111 1.27 -5.22 -14.59
CA ASP A 111 2.37 -5.71 -13.77
C ASP A 111 2.51 -4.85 -12.52
N PHE A 112 1.66 -5.14 -11.53
CA PHE A 112 1.66 -4.39 -10.28
C PHE A 112 2.68 -4.96 -9.29
N SER A 113 3.86 -5.30 -9.79
CA SER A 113 4.90 -5.84 -8.91
C SER A 113 5.57 -4.73 -8.12
N LYS A 114 5.33 -3.48 -8.54
CA LYS A 114 5.90 -2.34 -7.84
C LYS A 114 5.17 -2.15 -6.53
N LEU A 115 3.85 -2.29 -6.58
CA LEU A 115 3.03 -2.18 -5.40
C LEU A 115 3.39 -3.31 -4.44
N LEU A 116 3.94 -4.36 -5.02
CA LEU A 116 4.37 -5.53 -4.25
C LEU A 116 5.64 -5.22 -3.49
N SER A 117 6.62 -4.64 -4.19
CA SER A 117 7.88 -4.27 -3.58
C SER A 117 7.68 -3.22 -2.49
N SER A 118 6.71 -2.33 -2.72
CA SER A 118 6.41 -1.27 -1.76
C SER A 118 5.93 -1.83 -0.43
N VAL A 119 4.97 -2.75 -0.49
CA VAL A 119 4.41 -3.36 0.73
C VAL A 119 5.50 -4.04 1.55
N LYS A 120 6.26 -4.92 0.91
CA LYS A 120 7.33 -5.65 1.57
C LYS A 120 8.25 -4.70 2.34
N GLU A 121 8.57 -3.57 1.71
CA GLU A 121 9.44 -2.58 2.32
C GLU A 121 8.91 -2.07 3.66
N ILE A 122 7.69 -1.55 3.66
CA ILE A 122 7.09 -1.02 4.89
C ILE A 122 7.20 -2.02 6.03
N SER A 123 6.67 -3.22 5.81
CA SER A 123 6.73 -4.28 6.81
C SER A 123 8.16 -4.50 7.27
N ASP A 124 9.07 -4.61 6.30
CA ASP A 124 10.48 -4.83 6.59
C ASP A 124 11.05 -3.73 7.49
N ILE A 125 10.38 -2.59 7.54
CA ILE A 125 10.85 -1.48 8.38
C ILE A 125 10.30 -1.54 9.80
N VAL A 126 9.10 -2.10 9.98
CA VAL A 126 8.47 -2.15 11.32
C VAL A 126 8.95 -3.31 12.20
N GLN A 127 8.90 -4.53 11.66
CA GLN A 127 9.26 -5.72 12.45
C GLN A 127 10.56 -5.56 13.24
N ARG A 128 11.70 -5.48 12.55
CA ARG A 128 12.99 -5.34 13.23
C ARG A 128 13.19 -3.91 13.73
N LEU A 129 12.09 -3.28 14.15
CA LEU A 129 12.13 -1.90 14.63
C LEU A 129 11.41 -1.79 15.98
N GLU A 130 10.14 -2.19 16.01
CA GLU A 130 9.35 -2.12 17.25
C GLU A 130 9.72 -3.27 18.19
N SER A 22 -10.07 -2.22 13.04
CA SER A 22 -10.05 -3.34 13.98
C SER A 22 -9.15 -3.05 15.17
N GLY A 23 -9.72 -3.12 16.36
CA GLY A 23 -8.96 -2.87 17.58
C GLY A 23 -8.61 -1.41 17.74
N ALA A 24 -7.34 -1.09 17.59
CA ALA A 24 -6.87 0.28 17.72
C ALA A 24 -5.84 0.62 16.65
N ILE A 25 -5.79 -0.23 15.62
CA ILE A 25 -4.86 -0.04 14.50
C ILE A 25 -3.41 -0.20 14.94
N THR A 26 -2.85 -1.37 14.66
CA THR A 26 -1.46 -1.66 14.98
C THR A 26 -0.75 -2.17 13.73
N LYS A 27 0.52 -2.52 13.86
CA LYS A 27 1.25 -3.02 12.71
C LYS A 27 0.63 -4.31 12.21
N GLY A 28 0.17 -5.13 13.14
CA GLY A 28 -0.48 -6.38 12.79
C GLY A 28 -1.68 -6.13 11.90
N VAL A 29 -2.50 -5.17 12.30
CA VAL A 29 -3.68 -4.80 11.54
C VAL A 29 -3.26 -4.20 10.20
N VAL A 30 -2.19 -3.43 10.24
CA VAL A 30 -1.63 -2.80 9.06
C VAL A 30 -1.18 -3.85 8.06
N LEU A 31 -0.53 -4.89 8.56
CA LEU A 31 -0.06 -5.97 7.71
C LEU A 31 -1.23 -6.64 6.99
N ASP A 32 -2.26 -6.97 7.75
CA ASP A 32 -3.46 -7.58 7.17
C ASP A 32 -4.05 -6.69 6.08
N SER A 33 -3.82 -5.38 6.23
CA SER A 33 -4.31 -4.40 5.27
C SER A 33 -3.40 -4.35 4.03
N THR A 34 -2.10 -4.54 4.25
CA THR A 34 -1.15 -4.54 3.15
C THR A 34 -1.28 -5.84 2.35
N GLU A 35 -1.73 -6.88 3.04
CA GLU A 35 -1.92 -8.18 2.42
C GLU A 35 -3.25 -8.21 1.67
N ALA A 36 -4.31 -7.79 2.34
CA ALA A 36 -5.64 -7.74 1.74
C ALA A 36 -5.59 -7.07 0.37
N LEU A 37 -4.91 -5.93 0.31
CA LEU A 37 -4.78 -5.21 -0.96
C LEU A 37 -3.88 -5.99 -1.90
N CYS A 38 -2.79 -6.53 -1.36
CA CYS A 38 -1.84 -7.31 -2.16
C CYS A 38 -2.54 -8.42 -2.91
N LEU A 39 -3.41 -9.15 -2.21
CA LEU A 39 -4.17 -10.24 -2.81
C LEU A 39 -5.06 -9.72 -3.92
N ALA A 40 -5.72 -8.59 -3.67
CA ALA A 40 -6.59 -7.97 -4.66
C ALA A 40 -5.82 -7.73 -5.95
N ILE A 41 -4.51 -7.50 -5.81
CA ILE A 41 -3.66 -7.28 -6.98
C ILE A 41 -3.41 -8.60 -7.67
N SER A 42 -3.23 -9.65 -6.87
CA SER A 42 -3.00 -10.98 -7.38
C SER A 42 -4.32 -11.59 -7.85
N ARG A 43 -5.42 -10.90 -7.52
CA ARG A 43 -6.75 -11.36 -7.91
C ARG A 43 -7.19 -10.69 -9.21
N ASN A 44 -6.44 -9.67 -9.63
CA ASN A 44 -6.75 -8.95 -10.85
C ASN A 44 -6.06 -9.60 -12.05
N SER A 45 -5.48 -10.77 -11.83
CA SER A 45 -4.78 -11.49 -12.89
C SER A 45 -5.21 -12.95 -12.93
N GLU A 46 -5.55 -13.51 -11.77
CA GLU A 46 -5.98 -14.90 -11.68
C GLU A 46 -7.49 -15.02 -11.79
N GLN A 47 -8.20 -13.97 -11.35
CA GLN A 47 -9.66 -13.96 -11.40
C GLN A 47 -10.17 -12.63 -11.95
N MET A 48 -9.25 -11.72 -12.23
CA MET A 48 -9.60 -10.40 -12.75
C MET A 48 -10.58 -9.70 -11.82
N ALA A 49 -10.10 -9.34 -10.63
CA ALA A 49 -10.93 -8.65 -9.65
C ALA A 49 -11.19 -7.20 -10.05
N SER A 50 -10.29 -6.31 -9.66
CA SER A 50 -10.44 -4.89 -9.98
C SER A 50 -9.29 -4.07 -9.42
N HIS A 51 -8.80 -3.12 -10.21
CA HIS A 51 -7.71 -2.24 -9.80
C HIS A 51 -8.19 -1.35 -8.66
N SER A 52 -9.51 -1.20 -8.58
CA SER A 52 -10.13 -0.37 -7.54
C SER A 52 -10.13 -1.10 -6.20
N ALA A 53 -9.82 -2.39 -6.24
CA ALA A 53 -9.79 -3.21 -5.03
C ALA A 53 -8.47 -2.96 -4.29
N VAL A 54 -7.37 -3.02 -5.03
CA VAL A 54 -6.05 -2.78 -4.47
C VAL A 54 -5.92 -1.31 -4.12
N LEU A 55 -6.52 -0.49 -4.97
CA LEU A 55 -6.51 0.96 -4.78
C LEU A 55 -7.20 1.35 -3.47
N GLU A 56 -8.47 0.94 -3.34
CA GLU A 56 -9.27 1.24 -2.16
C GLU A 56 -8.67 0.60 -0.90
N ALA A 57 -8.24 -0.65 -1.04
CA ALA A 57 -7.66 -1.38 0.08
C ALA A 57 -6.34 -0.77 0.51
N GLY A 58 -5.60 -0.22 -0.45
CA GLY A 58 -4.33 0.39 -0.13
C GLY A 58 -4.49 1.77 0.48
N LYS A 59 -5.55 2.47 0.11
CA LYS A 59 -5.83 3.77 0.69
C LYS A 59 -6.10 3.57 2.18
N ASN A 60 -6.94 2.58 2.46
CA ASN A 60 -7.29 2.21 3.82
C ASN A 60 -6.04 1.82 4.60
N LEU A 61 -5.18 1.06 3.94
CA LEU A 61 -3.94 0.59 4.53
C LEU A 61 -3.04 1.76 4.89
N TYR A 62 -2.86 2.66 3.94
CA TYR A 62 -2.02 3.83 4.15
C TYR A 62 -2.55 4.65 5.32
N SER A 63 -3.86 4.70 5.45
CA SER A 63 -4.49 5.45 6.51
C SER A 63 -4.35 4.77 7.87
N PHE A 64 -4.18 3.44 7.92
CA PHE A 64 -4.04 2.79 9.22
C PHE A 64 -2.64 2.98 9.74
N CYS A 65 -1.67 2.80 8.85
CA CYS A 65 -0.27 2.96 9.19
C CYS A 65 0.01 4.42 9.50
N VAL A 66 -0.87 5.30 8.99
CA VAL A 66 -0.75 6.73 9.22
C VAL A 66 -1.13 7.06 10.67
N SER A 67 -2.22 6.46 11.14
CA SER A 67 -2.68 6.67 12.51
C SER A 67 -1.95 5.72 13.45
N TYR A 68 -1.11 4.87 12.88
CA TYR A 68 -0.35 3.90 13.66
C TYR A 68 1.09 4.37 13.91
N VAL A 69 1.65 5.16 12.99
CA VAL A 69 3.01 5.67 13.13
C VAL A 69 3.15 6.59 14.33
N ASP A 70 2.05 6.84 15.02
CA ASP A 70 2.06 7.70 16.20
C ASP A 70 2.62 6.96 17.40
N SER A 71 3.15 5.76 17.16
CA SER A 71 3.72 4.94 18.21
C SER A 71 5.20 4.67 17.95
N ILE A 72 5.66 5.01 16.74
CA ILE A 72 7.05 4.80 16.37
C ILE A 72 7.98 5.37 17.44
N GLN A 73 8.97 4.57 17.85
CA GLN A 73 9.91 4.98 18.87
C GLN A 73 11.32 5.17 18.30
N GLN A 74 11.66 4.39 17.27
CA GLN A 74 12.96 4.46 16.64
C GLN A 74 13.46 5.89 16.40
N MET A 75 12.56 6.76 15.93
CA MET A 75 12.89 8.17 15.66
C MET A 75 13.60 8.38 14.32
N ARG A 76 14.92 8.38 14.34
CA ARG A 76 15.72 8.58 13.13
C ARG A 76 15.39 7.53 12.07
N ASN A 77 14.62 6.52 12.48
CA ASN A 77 14.22 5.45 11.61
C ASN A 77 12.74 5.57 11.27
N LYS A 78 12.02 6.32 12.09
CA LYS A 78 10.59 6.54 11.87
C LYS A 78 10.37 7.03 10.45
N PHE A 79 11.29 7.88 10.01
CA PHE A 79 11.24 8.42 8.66
C PHE A 79 11.24 7.29 7.64
N ALA A 80 12.08 6.30 7.87
CA ALA A 80 12.17 5.15 6.97
C ALA A 80 10.79 4.57 6.67
N PHE A 81 10.09 4.15 7.72
CA PHE A 81 8.76 3.56 7.57
C PHE A 81 7.71 4.59 7.17
N ARG A 82 7.74 5.74 7.83
CA ARG A 82 6.77 6.80 7.56
C ARG A 82 6.78 7.22 6.09
N GLU A 83 7.91 7.76 5.62
CA GLU A 83 8.03 8.17 4.22
C GLU A 83 7.67 7.00 3.33
N ALA A 84 8.03 5.80 3.78
CA ALA A 84 7.71 4.59 3.02
C ALA A 84 6.20 4.53 2.81
N ILE A 85 5.46 4.90 3.86
CA ILE A 85 4.01 4.94 3.81
C ILE A 85 3.58 5.91 2.74
N ASN A 86 4.32 7.01 2.66
CA ASN A 86 4.06 8.05 1.69
C ASN A 86 4.24 7.50 0.29
N LYS A 87 5.20 6.58 0.13
CA LYS A 87 5.45 5.97 -1.17
C LYS A 87 4.19 5.26 -1.65
N LEU A 88 3.55 4.51 -0.75
CA LEU A 88 2.31 3.81 -1.10
C LEU A 88 1.22 4.81 -1.44
N GLU A 89 1.26 5.97 -0.79
CA GLU A 89 0.25 7.00 -1.01
C GLU A 89 0.22 7.38 -2.49
N ASN A 90 1.39 7.69 -3.04
CA ASN A 90 1.50 8.08 -4.44
C ASN A 90 1.31 6.86 -5.35
N ASN A 91 1.82 5.70 -4.95
CA ASN A 91 1.66 4.49 -5.74
C ASN A 91 0.19 4.31 -6.11
N LEU A 92 -0.67 4.50 -5.11
CA LEU A 92 -2.10 4.39 -5.31
C LEU A 92 -2.57 5.52 -6.22
N ARG A 93 -1.98 6.69 -6.02
CA ARG A 93 -2.29 7.88 -6.83
C ARG A 93 -2.06 7.62 -8.31
N GLU A 94 -1.04 6.84 -8.62
CA GLU A 94 -0.75 6.49 -9.99
C GLU A 94 -1.53 5.24 -10.38
N LEU A 95 -1.99 4.51 -9.38
CA LEU A 95 -2.73 3.27 -9.57
C LEU A 95 -4.21 3.46 -9.89
N GLN A 96 -4.82 4.48 -9.32
CA GLN A 96 -6.25 4.70 -9.55
C GLN A 96 -6.50 5.23 -10.96
N ILE A 97 -7.76 5.19 -11.39
CA ILE A 97 -8.13 5.63 -12.74
C ILE A 97 -7.34 6.85 -13.20
N CYS A 98 -7.67 8.02 -12.67
CA CYS A 98 -6.99 9.25 -13.06
C CYS A 98 -7.22 9.56 -14.55
N PRO A 99 -7.21 10.83 -14.94
CA PRO A 99 -7.43 11.23 -16.34
C PRO A 99 -6.57 10.45 -17.32
N ALA A 100 -5.29 10.82 -17.41
CA ALA A 100 -4.35 10.15 -18.32
C ALA A 100 -2.98 10.81 -18.25
N THR A 101 -2.72 11.49 -17.15
CA THR A 101 -1.44 12.17 -16.93
C THR A 101 -0.26 11.29 -17.33
N ALA A 102 -0.37 9.99 -17.06
CA ALA A 102 0.67 9.05 -17.40
C ALA A 102 0.46 8.44 -18.77
N GLY A 103 -0.80 8.25 -19.15
CA GLY A 103 -1.12 7.67 -20.44
C GLY A 103 -2.17 6.59 -20.34
N SER A 104 -3.40 6.97 -20.05
CA SER A 104 -4.50 6.03 -19.92
C SER A 104 -5.05 5.61 -21.28
N GLY A 105 -4.65 4.42 -21.74
CA GLY A 105 -5.12 3.92 -23.01
C GLY A 105 -4.91 2.42 -23.13
N PRO A 106 -5.61 1.78 -24.08
CA PRO A 106 -5.50 0.34 -24.30
C PRO A 106 -4.20 -0.04 -24.98
N ALA A 107 -3.08 0.26 -24.33
CA ALA A 107 -1.76 -0.03 -24.87
C ALA A 107 -0.68 0.28 -23.85
N ALA A 108 -1.07 0.38 -22.57
CA ALA A 108 -0.13 0.69 -21.51
C ALA A 108 0.15 -0.52 -20.63
N THR A 109 1.41 -0.74 -20.31
CA THR A 109 1.81 -1.83 -19.47
C THR A 109 1.84 -1.39 -18.03
N GLN A 110 0.69 -1.50 -17.44
CA GLN A 110 0.48 -1.10 -16.08
C GLN A 110 0.43 -2.30 -15.15
N ASP A 111 1.60 -2.75 -14.73
CA ASP A 111 1.73 -3.87 -13.83
C ASP A 111 1.88 -3.32 -12.43
N PHE A 112 1.32 -4.01 -11.46
CA PHE A 112 1.38 -3.53 -10.09
C PHE A 112 2.33 -4.36 -9.24
N SER A 113 3.48 -4.70 -9.80
CA SER A 113 4.48 -5.47 -9.07
C SER A 113 5.31 -4.55 -8.20
N LYS A 114 5.40 -3.28 -8.61
CA LYS A 114 6.14 -2.31 -7.82
C LYS A 114 5.40 -2.08 -6.52
N LEU A 115 4.08 -2.22 -6.58
CA LEU A 115 3.25 -2.10 -5.41
C LEU A 115 3.50 -3.30 -4.51
N LEU A 116 3.99 -4.37 -5.12
CA LEU A 116 4.28 -5.60 -4.40
C LEU A 116 5.56 -5.43 -3.59
N SER A 117 6.61 -4.94 -4.25
CA SER A 117 7.89 -4.71 -3.59
C SER A 117 7.75 -3.60 -2.56
N SER A 118 6.86 -2.66 -2.82
CA SER A 118 6.62 -1.54 -1.92
C SER A 118 6.04 -2.02 -0.59
N VAL A 119 5.07 -2.91 -0.66
CA VAL A 119 4.43 -3.45 0.54
C VAL A 119 5.42 -4.18 1.42
N LYS A 120 6.13 -5.14 0.83
CA LYS A 120 7.12 -5.92 1.57
C LYS A 120 8.09 -5.01 2.31
N GLU A 121 8.47 -3.93 1.65
CA GLU A 121 9.41 -2.95 2.21
C GLU A 121 8.88 -2.32 3.50
N ILE A 122 7.65 -1.81 3.47
CA ILE A 122 7.07 -1.16 4.64
C ILE A 122 7.10 -2.09 5.86
N SER A 123 6.51 -3.27 5.69
CA SER A 123 6.49 -4.26 6.77
C SER A 123 7.90 -4.54 7.29
N ASP A 124 8.85 -4.71 6.38
CA ASP A 124 10.23 -4.99 6.74
C ASP A 124 10.78 -3.96 7.73
N ILE A 125 10.33 -2.71 7.59
CA ILE A 125 10.81 -1.64 8.47
C ILE A 125 10.20 -1.71 9.87
N VAL A 126 8.88 -1.81 9.97
CA VAL A 126 8.22 -1.87 11.27
C VAL A 126 8.72 -3.01 12.14
N GLN A 127 9.05 -4.13 11.53
CA GLN A 127 9.54 -5.27 12.28
C GLN A 127 10.91 -4.96 12.86
N ARG A 128 11.76 -4.30 12.07
CA ARG A 128 13.10 -3.94 12.51
C ARG A 128 13.08 -2.57 13.16
N LEU A 129 12.12 -2.42 14.05
CA LEU A 129 11.91 -1.18 14.77
C LEU A 129 12.54 -1.24 16.16
N GLU A 130 11.76 -1.67 17.15
CA GLU A 130 12.25 -1.77 18.53
C GLU A 130 13.43 -2.72 18.62
N SER A 22 -6.58 3.61 19.11
CA SER A 22 -5.67 3.19 18.06
C SER A 22 -5.25 1.74 18.24
N GLY A 23 -5.83 1.08 19.25
CA GLY A 23 -5.51 -0.31 19.51
C GLY A 23 -5.88 -1.20 18.35
N ALA A 24 -6.94 -0.84 17.64
CA ALA A 24 -7.40 -1.61 16.49
C ALA A 24 -6.61 -1.20 15.25
N ILE A 25 -5.48 -0.53 15.48
CA ILE A 25 -4.62 -0.06 14.40
C ILE A 25 -3.15 -0.18 14.79
N THR A 26 -2.56 -1.32 14.49
CA THR A 26 -1.17 -1.57 14.78
C THR A 26 -0.47 -2.08 13.52
N LYS A 27 0.79 -2.44 13.63
CA LYS A 27 1.51 -2.97 12.48
C LYS A 27 0.85 -4.26 12.03
N GLY A 28 0.29 -4.98 12.98
CA GLY A 28 -0.40 -6.22 12.68
C GLY A 28 -1.62 -5.97 11.82
N VAL A 29 -2.44 -4.99 12.22
CA VAL A 29 -3.62 -4.61 11.47
C VAL A 29 -3.22 -4.09 10.11
N VAL A 30 -2.14 -3.31 10.12
CA VAL A 30 -1.59 -2.72 8.92
C VAL A 30 -1.12 -3.80 7.95
N LEU A 31 -0.50 -4.85 8.49
CA LEU A 31 -0.01 -5.95 7.68
C LEU A 31 -1.18 -6.69 7.04
N ASP A 32 -2.18 -7.04 7.85
CA ASP A 32 -3.36 -7.71 7.34
C ASP A 32 -3.97 -6.90 6.19
N SER A 33 -3.84 -5.58 6.31
CA SER A 33 -4.36 -4.67 5.29
C SER A 33 -3.52 -4.75 4.02
N THR A 34 -2.19 -4.81 4.18
CA THR A 34 -1.29 -4.90 3.04
C THR A 34 -1.52 -6.20 2.27
N GLU A 35 -1.88 -7.25 3.00
CA GLU A 35 -2.13 -8.55 2.41
C GLU A 35 -3.43 -8.57 1.63
N ALA A 36 -4.53 -8.20 2.29
CA ALA A 36 -5.84 -8.17 1.66
C ALA A 36 -5.79 -7.48 0.30
N LEU A 37 -5.16 -6.32 0.26
CA LEU A 37 -5.04 -5.57 -1.00
C LEU A 37 -4.07 -6.29 -1.93
N CYS A 38 -3.00 -6.83 -1.37
CA CYS A 38 -2.01 -7.56 -2.16
C CYS A 38 -2.68 -8.66 -2.98
N LEU A 39 -3.47 -9.49 -2.31
CA LEU A 39 -4.18 -10.58 -2.97
C LEU A 39 -5.12 -10.01 -4.01
N ALA A 40 -5.70 -8.85 -3.72
CA ALA A 40 -6.59 -8.20 -4.66
C ALA A 40 -5.85 -7.90 -5.95
N ILE A 41 -4.58 -7.55 -5.84
CA ILE A 41 -3.76 -7.28 -7.01
C ILE A 41 -3.52 -8.57 -7.77
N SER A 42 -3.29 -9.63 -7.00
CA SER A 42 -3.07 -10.95 -7.57
C SER A 42 -4.39 -11.54 -8.06
N ARG A 43 -5.48 -10.86 -7.71
CA ARG A 43 -6.81 -11.30 -8.08
C ARG A 43 -7.12 -10.89 -9.53
N ASN A 44 -6.71 -9.69 -9.92
CA ASN A 44 -6.92 -9.18 -11.27
C ASN A 44 -6.13 -10.00 -12.30
N SER A 45 -5.62 -11.15 -11.90
CA SER A 45 -4.83 -12.00 -12.81
C SER A 45 -5.68 -13.14 -13.34
N GLU A 46 -6.76 -13.43 -12.63
CA GLU A 46 -7.68 -14.51 -13.02
C GLU A 46 -9.00 -13.91 -13.52
N GLN A 47 -9.06 -12.58 -13.49
CA GLN A 47 -10.23 -11.81 -13.91
C GLN A 47 -10.11 -10.38 -13.38
N MET A 48 -10.43 -9.40 -14.22
CA MET A 48 -10.34 -7.99 -13.83
C MET A 48 -10.88 -7.80 -12.42
N ALA A 49 -9.98 -7.72 -11.44
CA ALA A 49 -10.38 -7.56 -10.05
C ALA A 49 -9.27 -7.03 -9.15
N SER A 50 -8.93 -5.75 -9.31
CA SER A 50 -7.90 -5.14 -8.49
C SER A 50 -7.93 -3.62 -8.56
N HIS A 51 -8.02 -3.07 -9.76
CA HIS A 51 -8.00 -1.61 -9.90
C HIS A 51 -8.96 -0.95 -8.93
N SER A 52 -10.00 -1.68 -8.56
CA SER A 52 -10.98 -1.17 -7.61
C SER A 52 -10.68 -1.68 -6.21
N ALA A 53 -10.16 -2.91 -6.12
CA ALA A 53 -9.85 -3.54 -4.84
C ALA A 53 -8.51 -3.10 -4.25
N VAL A 54 -7.41 -3.23 -5.00
CA VAL A 54 -6.10 -2.85 -4.49
C VAL A 54 -6.03 -1.34 -4.23
N LEU A 55 -6.75 -0.58 -5.04
CA LEU A 55 -6.81 0.88 -4.89
C LEU A 55 -7.59 1.28 -3.64
N GLU A 56 -8.86 0.85 -3.57
CA GLU A 56 -9.70 1.17 -2.42
C GLU A 56 -9.08 0.63 -1.14
N ALA A 57 -8.60 -0.60 -1.22
CA ALA A 57 -7.96 -1.24 -0.09
C ALA A 57 -6.63 -0.57 0.15
N GLY A 58 -6.09 -0.02 -0.94
CA GLY A 58 -4.82 0.67 -0.87
C GLY A 58 -4.87 1.91 0.00
N LYS A 59 -5.92 2.72 -0.19
CA LYS A 59 -6.09 3.94 0.57
C LYS A 59 -6.32 3.64 2.04
N ASN A 60 -7.15 2.62 2.30
CA ASN A 60 -7.44 2.22 3.67
C ASN A 60 -6.17 1.85 4.42
N LEU A 61 -5.26 1.18 3.72
CA LEU A 61 -3.99 0.76 4.31
C LEU A 61 -3.12 1.95 4.66
N TYR A 62 -2.93 2.85 3.69
CA TYR A 62 -2.12 4.05 3.93
C TYR A 62 -2.65 4.78 5.13
N SER A 63 -3.97 4.75 5.27
CA SER A 63 -4.63 5.41 6.38
C SER A 63 -4.31 4.77 7.72
N PHE A 64 -4.27 3.43 7.78
CA PHE A 64 -3.97 2.78 9.06
C PHE A 64 -2.52 3.04 9.46
N CYS A 65 -1.63 2.94 8.48
CA CYS A 65 -0.23 3.19 8.72
C CYS A 65 -0.02 4.65 9.15
N VAL A 66 -0.97 5.50 8.78
CA VAL A 66 -0.93 6.91 9.10
C VAL A 66 -1.27 7.14 10.58
N SER A 67 -2.32 6.49 11.06
CA SER A 67 -2.74 6.62 12.45
C SER A 67 -1.94 5.69 13.34
N TYR A 68 -1.09 4.88 12.73
CA TYR A 68 -0.25 3.94 13.45
C TYR A 68 1.14 4.51 13.73
N VAL A 69 1.64 5.34 12.81
CA VAL A 69 2.96 5.95 12.97
C VAL A 69 2.97 6.96 14.13
N ASP A 70 1.81 7.19 14.71
CA ASP A 70 1.68 8.10 15.84
C ASP A 70 2.12 7.41 17.12
N SER A 71 2.68 6.21 16.98
CA SER A 71 3.13 5.42 18.12
C SER A 71 4.58 4.98 17.94
N ILE A 72 5.14 5.26 16.76
CA ILE A 72 6.52 4.92 16.45
C ILE A 72 7.43 4.93 17.67
N GLN A 73 7.62 6.11 18.23
CA GLN A 73 8.43 6.31 19.44
C GLN A 73 9.94 6.29 19.17
N GLN A 74 10.40 5.33 18.36
CA GLN A 74 11.82 5.21 18.05
C GLN A 74 12.46 6.53 17.60
N MET A 75 11.64 7.43 17.03
CA MET A 75 12.11 8.77 16.60
C MET A 75 12.95 8.74 15.32
N ARG A 76 14.27 8.55 15.47
CA ARG A 76 15.18 8.53 14.32
C ARG A 76 14.89 7.37 13.38
N ASN A 77 13.81 6.66 13.65
CA ASN A 77 13.40 5.52 12.85
C ASN A 77 12.02 5.79 12.27
N LYS A 78 11.37 6.83 12.80
CA LYS A 78 10.07 7.26 12.36
C LYS A 78 10.07 7.58 10.88
N PHE A 79 11.07 8.35 10.47
CA PHE A 79 11.21 8.76 9.07
C PHE A 79 11.23 7.54 8.15
N ALA A 80 12.03 6.55 8.53
CA ALA A 80 12.15 5.32 7.75
C ALA A 80 10.79 4.74 7.34
N PHE A 81 10.06 4.21 8.31
CA PHE A 81 8.75 3.61 8.07
C PHE A 81 7.74 4.61 7.52
N ARG A 82 7.71 5.80 8.09
CA ARG A 82 6.76 6.82 7.68
C ARG A 82 6.86 7.12 6.19
N GLU A 83 8.02 7.61 5.76
CA GLU A 83 8.24 7.93 4.34
C GLU A 83 7.90 6.72 3.47
N ALA A 84 8.13 5.52 3.99
CA ALA A 84 7.81 4.31 3.24
C ALA A 84 6.32 4.27 2.93
N ILE A 85 5.53 4.69 3.90
CA ILE A 85 4.09 4.74 3.74
C ILE A 85 3.73 5.75 2.67
N ASN A 86 4.53 6.80 2.61
CA ASN A 86 4.33 7.85 1.62
C ASN A 86 4.52 7.28 0.22
N LYS A 87 5.45 6.34 0.09
CA LYS A 87 5.71 5.68 -1.19
C LYS A 87 4.44 4.99 -1.65
N LEU A 88 3.82 4.25 -0.74
CA LEU A 88 2.58 3.56 -1.04
C LEU A 88 1.51 4.56 -1.44
N GLU A 89 1.50 5.69 -0.74
CA GLU A 89 0.52 6.75 -0.98
C GLU A 89 0.57 7.22 -2.42
N ASN A 90 1.74 7.69 -2.85
CA ASN A 90 1.90 8.17 -4.22
C ASN A 90 1.63 7.03 -5.19
N ASN A 91 1.94 5.81 -4.78
CA ASN A 91 1.69 4.65 -5.62
C ASN A 91 0.20 4.53 -5.83
N LEU A 92 -0.58 4.82 -4.79
CA LEU A 92 -2.03 4.78 -4.90
C LEU A 92 -2.46 5.91 -5.82
N ARG A 93 -1.81 7.05 -5.62
CA ARG A 93 -2.07 8.26 -6.39
C ARG A 93 -1.89 8.01 -7.89
N GLU A 94 -0.90 7.22 -8.23
CA GLU A 94 -0.62 6.87 -9.63
C GLU A 94 -1.39 5.61 -10.05
N LEU A 95 -1.87 4.83 -9.07
CA LEU A 95 -2.56 3.58 -9.35
C LEU A 95 -4.06 3.75 -9.59
N GLN A 96 -4.66 4.80 -9.07
CA GLN A 96 -6.11 5.00 -9.26
C GLN A 96 -6.41 5.33 -10.72
N ILE A 97 -7.68 5.18 -11.10
CA ILE A 97 -8.14 5.43 -12.47
C ILE A 97 -7.28 6.44 -13.23
N CYS A 98 -7.23 7.68 -12.76
CA CYS A 98 -6.45 8.73 -13.42
C CYS A 98 -6.93 8.96 -14.86
N PRO A 99 -6.90 10.22 -15.33
CA PRO A 99 -7.34 10.57 -16.69
C PRO A 99 -6.61 9.76 -17.76
N ALA A 100 -5.35 10.10 -17.99
CA ALA A 100 -4.54 9.42 -19.00
C ALA A 100 -3.09 9.87 -18.92
N THR A 101 -2.72 10.38 -17.75
CA THR A 101 -1.37 10.86 -17.51
C THR A 101 -0.31 9.88 -18.02
N ALA A 102 -0.60 8.59 -17.94
CA ALA A 102 0.33 7.57 -18.40
C ALA A 102 -0.40 6.28 -18.78
N GLY A 103 -0.05 5.74 -19.95
CA GLY A 103 -0.66 4.51 -20.42
C GLY A 103 -2.17 4.59 -20.48
N SER A 104 -2.70 5.80 -20.64
CA SER A 104 -4.13 6.01 -20.71
C SER A 104 -4.86 5.35 -19.54
N GLY A 105 -5.41 4.16 -19.79
CA GLY A 105 -6.12 3.44 -18.75
C GLY A 105 -6.05 1.94 -18.94
N PRO A 106 -7.19 1.29 -19.25
CA PRO A 106 -7.24 -0.15 -19.44
C PRO A 106 -6.78 -0.56 -20.85
N ALA A 107 -7.00 -1.83 -21.17
CA ALA A 107 -6.62 -2.35 -22.49
C ALA A 107 -5.13 -2.18 -22.76
N ALA A 108 -4.30 -2.81 -21.93
CA ALA A 108 -2.86 -2.73 -22.09
C ALA A 108 -2.14 -3.77 -21.22
N THR A 109 -2.09 -3.50 -19.92
CA THR A 109 -1.44 -4.39 -18.96
C THR A 109 -1.39 -3.75 -17.58
N GLN A 110 -2.02 -4.40 -16.62
CA GLN A 110 -2.06 -3.91 -15.26
C GLN A 110 -1.18 -4.76 -14.36
N ASP A 111 0.10 -4.48 -14.38
CA ASP A 111 1.08 -5.19 -13.55
C ASP A 111 1.53 -4.31 -12.40
N PHE A 112 0.85 -4.42 -11.27
CA PHE A 112 1.18 -3.62 -10.11
C PHE A 112 2.12 -4.35 -9.16
N SER A 113 3.13 -5.03 -9.72
CA SER A 113 4.09 -5.76 -8.90
C SER A 113 4.93 -4.79 -8.08
N LYS A 114 4.99 -3.54 -8.53
CA LYS A 114 5.74 -2.51 -7.82
C LYS A 114 5.09 -2.26 -6.47
N LEU A 115 3.75 -2.20 -6.49
CA LEU A 115 2.99 -2.00 -5.27
C LEU A 115 3.27 -3.17 -4.32
N LEU A 116 3.63 -4.30 -4.90
CA LEU A 116 3.95 -5.50 -4.15
C LEU A 116 5.27 -5.30 -3.40
N SER A 117 6.29 -4.84 -4.13
CA SER A 117 7.60 -4.59 -3.55
C SER A 117 7.51 -3.50 -2.49
N SER A 118 6.65 -2.51 -2.74
CA SER A 118 6.46 -1.40 -1.81
C SER A 118 5.97 -1.91 -0.47
N VAL A 119 5.05 -2.85 -0.49
CA VAL A 119 4.49 -3.43 0.73
C VAL A 119 5.57 -4.09 1.56
N LYS A 120 6.33 -4.98 0.94
CA LYS A 120 7.40 -5.69 1.62
C LYS A 120 8.33 -4.73 2.36
N GLU A 121 8.66 -3.63 1.69
CA GLU A 121 9.54 -2.62 2.27
C GLU A 121 9.01 -2.08 3.60
N ILE A 122 7.78 -1.56 3.59
CA ILE A 122 7.19 -0.99 4.81
C ILE A 122 7.31 -1.97 5.98
N SER A 123 6.79 -3.19 5.80
CA SER A 123 6.87 -4.20 6.84
C SER A 123 8.32 -4.42 7.27
N ASP A 124 9.20 -4.54 6.28
CA ASP A 124 10.63 -4.74 6.54
C ASP A 124 11.20 -3.67 7.47
N ILE A 125 10.52 -2.53 7.54
CA ILE A 125 10.98 -1.44 8.40
C ILE A 125 10.44 -1.55 9.82
N VAL A 126 9.13 -1.77 9.96
CA VAL A 126 8.49 -1.83 11.28
C VAL A 126 9.03 -2.94 12.19
N GLN A 127 9.11 -4.16 11.68
CA GLN A 127 9.57 -5.29 12.50
C GLN A 127 10.80 -4.94 13.32
N ARG A 128 11.87 -4.48 12.68
CA ARG A 128 13.08 -4.11 13.41
C ARG A 128 12.81 -2.83 14.20
N LEU A 129 12.04 -1.94 13.58
CA LEU A 129 11.67 -0.67 14.18
C LEU A 129 11.05 -0.89 15.57
N GLU A 130 9.80 -1.32 15.61
CA GLU A 130 9.12 -1.57 16.88
C GLU A 130 8.99 -3.06 17.14
N SER A 22 -8.85 -4.55 17.74
CA SER A 22 -8.46 -3.42 16.91
C SER A 22 -7.06 -2.93 17.29
N GLY A 23 -6.77 -2.94 18.58
CA GLY A 23 -5.48 -2.49 19.06
C GLY A 23 -5.14 -1.10 18.55
N ALA A 24 -6.16 -0.25 18.45
CA ALA A 24 -5.99 1.12 17.97
C ALA A 24 -5.07 1.19 16.75
N ILE A 25 -5.13 0.16 15.91
CA ILE A 25 -4.33 0.10 14.70
C ILE A 25 -2.84 0.04 15.01
N THR A 26 -2.25 -1.11 14.75
CA THR A 26 -0.82 -1.33 14.95
C THR A 26 -0.19 -1.86 13.66
N LYS A 27 0.98 -2.48 13.78
CA LYS A 27 1.62 -3.05 12.60
C LYS A 27 0.90 -4.31 12.16
N GLY A 28 0.27 -4.98 13.12
CA GLY A 28 -0.46 -6.19 12.85
C GLY A 28 -1.64 -5.94 11.91
N VAL A 29 -2.43 -4.92 12.23
CA VAL A 29 -3.58 -4.55 11.42
C VAL A 29 -3.11 -4.05 10.07
N VAL A 30 -2.00 -3.32 10.11
CA VAL A 30 -1.40 -2.76 8.91
C VAL A 30 -0.93 -3.86 7.97
N LEU A 31 -0.34 -4.91 8.52
CA LEU A 31 0.11 -6.04 7.71
C LEU A 31 -1.07 -6.74 7.06
N ASP A 32 -2.06 -7.09 7.89
CA ASP A 32 -3.26 -7.73 7.39
C ASP A 32 -3.86 -6.91 6.24
N SER A 33 -3.66 -5.60 6.32
CA SER A 33 -4.15 -4.68 5.30
C SER A 33 -3.32 -4.79 4.03
N THR A 34 -2.00 -4.87 4.18
CA THR A 34 -1.11 -4.99 3.03
C THR A 34 -1.37 -6.27 2.25
N GLU A 35 -1.71 -7.34 2.98
CA GLU A 35 -1.98 -8.63 2.36
C GLU A 35 -3.32 -8.63 1.62
N ALA A 36 -4.37 -8.25 2.33
CA ALA A 36 -5.72 -8.22 1.75
C ALA A 36 -5.72 -7.52 0.38
N LEU A 37 -5.10 -6.36 0.31
CA LEU A 37 -5.03 -5.62 -0.94
C LEU A 37 -4.11 -6.33 -1.92
N CYS A 38 -3.00 -6.86 -1.40
CA CYS A 38 -2.05 -7.59 -2.24
C CYS A 38 -2.75 -8.71 -2.98
N LEU A 39 -3.70 -9.35 -2.30
CA LEU A 39 -4.46 -10.44 -2.89
C LEU A 39 -5.37 -9.89 -3.97
N ALA A 40 -5.90 -8.68 -3.74
CA ALA A 40 -6.76 -8.05 -4.73
C ALA A 40 -5.99 -7.85 -6.02
N ILE A 41 -4.71 -7.53 -5.90
CA ILE A 41 -3.85 -7.35 -7.06
C ILE A 41 -3.59 -8.70 -7.70
N SER A 42 -3.64 -9.74 -6.86
CA SER A 42 -3.44 -11.11 -7.31
C SER A 42 -4.74 -11.67 -7.87
N ARG A 43 -5.83 -10.98 -7.57
CA ARG A 43 -7.16 -11.38 -8.02
C ARG A 43 -7.50 -10.76 -9.36
N ASN A 44 -6.79 -9.69 -9.71
CA ASN A 44 -7.02 -8.99 -10.97
C ASN A 44 -6.28 -9.69 -12.11
N SER A 45 -5.74 -10.87 -11.83
CA SER A 45 -5.01 -11.64 -12.82
C SER A 45 -5.50 -13.07 -12.86
N GLU A 46 -6.07 -13.54 -11.76
CA GLU A 46 -6.59 -14.90 -11.67
C GLU A 46 -8.10 -14.92 -11.84
N GLN A 47 -8.74 -13.76 -11.66
CA GLN A 47 -10.20 -13.65 -11.78
C GLN A 47 -10.61 -12.30 -12.37
N MET A 48 -9.62 -11.48 -12.72
CA MET A 48 -9.88 -10.16 -13.28
C MET A 48 -10.83 -9.37 -12.38
N ALA A 49 -10.54 -9.35 -11.08
CA ALA A 49 -11.36 -8.65 -10.10
C ALA A 49 -11.58 -7.19 -10.49
N SER A 50 -10.68 -6.32 -10.03
CA SER A 50 -10.77 -4.89 -10.33
C SER A 50 -9.58 -4.14 -9.77
N HIS A 51 -9.13 -3.12 -10.51
CA HIS A 51 -8.00 -2.32 -10.08
C HIS A 51 -8.41 -1.41 -8.91
N SER A 52 -9.72 -1.22 -8.78
CA SER A 52 -10.26 -0.39 -7.71
C SER A 52 -10.27 -1.16 -6.40
N ALA A 53 -10.00 -2.45 -6.48
CA ALA A 53 -9.97 -3.30 -5.30
C ALA A 53 -8.68 -3.10 -4.52
N VAL A 54 -7.57 -3.07 -5.24
CA VAL A 54 -6.26 -2.86 -4.64
C VAL A 54 -6.08 -1.38 -4.28
N LEU A 55 -6.76 -0.53 -5.04
CA LEU A 55 -6.73 0.91 -4.83
C LEU A 55 -7.54 1.29 -3.60
N GLU A 56 -8.79 0.85 -3.54
CA GLU A 56 -9.66 1.14 -2.40
C GLU A 56 -9.03 0.59 -1.13
N ALA A 57 -8.64 -0.67 -1.20
CA ALA A 57 -7.99 -1.33 -0.09
C ALA A 57 -6.65 -0.67 0.15
N GLY A 58 -6.09 -0.14 -0.94
CA GLY A 58 -4.81 0.53 -0.89
C GLY A 58 -4.86 1.77 -0.02
N LYS A 59 -5.88 2.59 -0.24
CA LYS A 59 -6.06 3.82 0.51
C LYS A 59 -6.23 3.51 1.98
N ASN A 60 -6.94 2.43 2.28
CA ASN A 60 -7.18 2.01 3.64
C ASN A 60 -5.86 1.71 4.35
N LEU A 61 -4.99 0.98 3.66
CA LEU A 61 -3.70 0.62 4.21
C LEU A 61 -2.90 1.86 4.59
N TYR A 62 -2.84 2.82 3.67
CA TYR A 62 -2.13 4.07 3.92
C TYR A 62 -2.71 4.77 5.13
N SER A 63 -4.02 4.65 5.29
CA SER A 63 -4.71 5.30 6.40
C SER A 63 -4.51 4.56 7.71
N PHE A 64 -4.10 3.29 7.66
CA PHE A 64 -3.89 2.53 8.89
C PHE A 64 -2.50 2.82 9.40
N CYS A 65 -1.53 2.79 8.48
CA CYS A 65 -0.17 3.09 8.84
C CYS A 65 -0.04 4.57 9.18
N VAL A 66 -1.01 5.36 8.72
CA VAL A 66 -1.03 6.78 8.96
C VAL A 66 -1.40 7.06 10.42
N SER A 67 -2.43 6.38 10.91
CA SER A 67 -2.87 6.55 12.29
C SER A 67 -1.99 5.74 13.24
N TYR A 68 -1.17 4.87 12.65
CA TYR A 68 -0.27 4.02 13.42
C TYR A 68 1.11 4.69 13.54
N VAL A 69 1.45 5.49 12.54
CA VAL A 69 2.73 6.20 12.50
C VAL A 69 2.87 7.17 13.67
N ASP A 70 1.76 7.70 14.13
CA ASP A 70 1.76 8.65 15.25
C ASP A 70 2.13 7.93 16.54
N SER A 71 2.27 6.62 16.44
CA SER A 71 2.61 5.80 17.60
C SER A 71 4.06 5.35 17.55
N ILE A 72 4.83 5.87 16.59
CA ILE A 72 6.24 5.51 16.47
C ILE A 72 7.06 6.09 17.63
N GLN A 73 7.27 5.28 18.65
CA GLN A 73 8.05 5.70 19.79
C GLN A 73 9.53 5.55 19.46
N GLN A 74 9.78 4.63 18.54
CA GLN A 74 11.11 4.32 18.05
C GLN A 74 12.03 5.54 17.90
N MET A 75 11.50 6.67 17.39
CA MET A 75 12.26 7.94 17.23
C MET A 75 13.11 7.97 15.96
N ARG A 76 14.34 7.49 16.06
CA ARG A 76 15.27 7.49 14.91
C ARG A 76 14.85 6.48 13.87
N ASN A 77 13.55 6.23 13.77
CA ASN A 77 13.01 5.28 12.82
C ASN A 77 11.73 5.81 12.18
N LYS A 78 11.06 6.72 12.90
CA LYS A 78 9.84 7.34 12.42
C LYS A 78 9.91 7.62 10.93
N PHE A 79 10.95 8.34 10.54
CA PHE A 79 11.15 8.72 9.14
C PHE A 79 11.17 7.51 8.23
N ALA A 80 11.95 6.49 8.60
CA ALA A 80 12.05 5.26 7.81
C ALA A 80 10.67 4.74 7.40
N PHE A 81 9.91 4.25 8.37
CA PHE A 81 8.57 3.71 8.13
C PHE A 81 7.63 4.76 7.53
N ARG A 82 7.65 5.97 8.08
CA ARG A 82 6.77 7.05 7.61
C ARG A 82 6.92 7.28 6.11
N GLU A 83 8.13 7.70 5.70
CA GLU A 83 8.40 7.95 4.29
C GLU A 83 7.97 6.75 3.45
N ALA A 84 8.15 5.55 3.98
CA ALA A 84 7.75 4.34 3.27
C ALA A 84 6.25 4.39 3.00
N ILE A 85 5.50 4.88 3.97
CA ILE A 85 4.05 5.01 3.83
C ILE A 85 3.74 5.98 2.71
N ASN A 86 4.55 7.03 2.64
CA ASN A 86 4.40 8.07 1.62
C ASN A 86 4.50 7.43 0.23
N LYS A 87 5.46 6.54 0.06
CA LYS A 87 5.64 5.85 -1.22
C LYS A 87 4.36 5.15 -1.63
N LEU A 88 3.80 4.38 -0.70
CA LEU A 88 2.56 3.67 -0.96
C LEU A 88 1.48 4.65 -1.40
N GLU A 89 1.45 5.80 -0.73
CA GLU A 89 0.48 6.85 -1.01
C GLU A 89 0.55 7.28 -2.47
N ASN A 90 1.72 7.77 -2.88
CA ASN A 90 1.93 8.21 -4.25
C ASN A 90 1.87 7.02 -5.20
N ASN A 91 1.84 5.82 -4.63
CA ASN A 91 1.74 4.63 -5.44
C ASN A 91 0.28 4.38 -5.74
N LEU A 92 -0.58 4.66 -4.75
CA LEU A 92 -2.01 4.54 -4.91
C LEU A 92 -2.45 5.61 -5.89
N ARG A 93 -1.83 6.78 -5.73
CA ARG A 93 -2.10 7.93 -6.58
C ARG A 93 -1.87 7.57 -8.05
N GLU A 94 -0.70 7.05 -8.38
CA GLU A 94 -0.41 6.65 -9.74
C GLU A 94 -1.27 5.44 -10.12
N LEU A 95 -1.68 4.70 -9.10
CA LEU A 95 -2.52 3.52 -9.28
C LEU A 95 -3.96 3.92 -9.59
N GLN A 96 -4.27 5.18 -9.28
CA GLN A 96 -5.61 5.73 -9.52
C GLN A 96 -6.03 5.47 -10.95
N ILE A 97 -7.32 5.67 -11.25
CA ILE A 97 -7.83 5.46 -12.58
C ILE A 97 -6.90 6.02 -13.65
N CYS A 98 -6.49 7.28 -13.48
CA CYS A 98 -5.59 7.94 -14.40
C CYS A 98 -6.18 8.07 -15.80
N PRO A 99 -5.98 9.25 -16.40
CA PRO A 99 -6.48 9.56 -17.74
C PRO A 99 -5.65 8.93 -18.84
N ALA A 100 -4.53 9.57 -19.13
CA ALA A 100 -3.61 9.13 -20.17
C ALA A 100 -2.42 10.06 -20.20
N THR A 101 -2.32 10.85 -19.13
CA THR A 101 -1.29 11.84 -18.97
C THR A 101 -0.69 12.28 -20.30
N ALA A 102 -1.44 13.12 -21.00
CA ALA A 102 -1.02 13.65 -22.30
C ALA A 102 -0.82 12.54 -23.32
N GLY A 103 -1.78 12.41 -24.23
CA GLY A 103 -1.69 11.39 -25.25
C GLY A 103 -1.68 9.99 -24.70
N SER A 104 -0.72 9.18 -25.14
CA SER A 104 -0.59 7.80 -24.69
C SER A 104 0.75 7.21 -25.12
N GLY A 105 0.90 5.90 -24.96
CA GLY A 105 2.14 5.25 -25.34
C GLY A 105 1.93 3.77 -25.58
N PRO A 106 2.19 2.92 -24.56
CA PRO A 106 2.00 1.49 -24.70
C PRO A 106 0.53 1.15 -24.98
N ALA A 107 -0.31 1.39 -23.98
CA ALA A 107 -1.75 1.14 -24.08
C ALA A 107 -2.42 1.27 -22.72
N ALA A 108 -2.14 0.31 -21.84
CA ALA A 108 -2.72 0.30 -20.50
C ALA A 108 -1.74 -0.27 -19.49
N THR A 109 -1.34 -1.53 -19.72
CA THR A 109 -0.40 -2.21 -18.85
C THR A 109 -0.87 -2.24 -17.40
N GLN A 110 -1.23 -3.42 -16.94
CA GLN A 110 -1.71 -3.59 -15.58
C GLN A 110 -0.90 -4.62 -14.83
N ASP A 111 0.24 -4.18 -14.30
CA ASP A 111 1.13 -5.03 -13.52
C ASP A 111 1.64 -4.24 -12.32
N PHE A 112 0.82 -4.19 -11.28
CA PHE A 112 1.14 -3.44 -10.08
C PHE A 112 2.11 -4.20 -9.17
N SER A 113 3.23 -4.64 -9.73
CA SER A 113 4.23 -5.35 -8.95
C SER A 113 5.00 -4.37 -8.08
N LYS A 114 4.90 -3.09 -8.42
CA LYS A 114 5.57 -2.05 -7.65
C LYS A 114 4.90 -1.91 -6.31
N LEU A 115 3.56 -1.96 -6.32
CA LEU A 115 2.78 -1.89 -5.11
C LEU A 115 3.14 -3.08 -4.22
N LEU A 116 3.61 -4.14 -4.87
CA LEU A 116 4.02 -5.36 -4.19
C LEU A 116 5.32 -5.11 -3.43
N SER A 117 6.30 -4.52 -4.12
CA SER A 117 7.59 -4.21 -3.52
C SER A 117 7.42 -3.21 -2.38
N SER A 118 6.49 -2.28 -2.56
CA SER A 118 6.23 -1.26 -1.55
C SER A 118 5.70 -1.90 -0.27
N VAL A 119 4.86 -2.90 -0.42
CA VAL A 119 4.27 -3.60 0.72
C VAL A 119 5.35 -4.23 1.59
N LYS A 120 6.15 -5.10 0.96
CA LYS A 120 7.22 -5.79 1.67
C LYS A 120 8.16 -4.83 2.39
N GLU A 121 8.44 -3.69 1.76
CA GLU A 121 9.34 -2.70 2.33
C GLU A 121 8.84 -2.15 3.66
N ILE A 122 7.62 -1.62 3.68
CA ILE A 122 7.04 -1.06 4.91
C ILE A 122 7.12 -2.06 6.05
N SER A 123 6.57 -3.25 5.81
CA SER A 123 6.58 -4.31 6.81
C SER A 123 7.99 -4.58 7.32
N ASP A 124 8.94 -4.71 6.38
CA ASP A 124 10.33 -4.98 6.74
C ASP A 124 10.89 -3.89 7.65
N ILE A 125 10.33 -2.69 7.57
CA ILE A 125 10.81 -1.58 8.39
C ILE A 125 10.40 -1.73 9.86
N VAL A 126 9.10 -1.94 10.09
CA VAL A 126 8.60 -2.09 11.46
C VAL A 126 9.21 -3.28 12.20
N GLN A 127 9.45 -4.37 11.48
CA GLN A 127 10.03 -5.56 12.09
C GLN A 127 11.45 -5.30 12.58
N ARG A 128 12.34 -4.93 11.67
CA ARG A 128 13.72 -4.62 12.02
C ARG A 128 13.78 -3.35 12.86
N LEU A 129 12.67 -2.64 12.90
CA LEU A 129 12.57 -1.39 13.65
C LEU A 129 13.02 -1.59 15.10
N GLU A 130 12.12 -2.10 15.92
CA GLU A 130 12.40 -2.35 17.33
C GLU A 130 13.27 -3.59 17.50
N SER A 22 -4.71 4.03 19.02
CA SER A 22 -4.56 3.11 17.90
C SER A 22 -4.32 1.68 18.37
N GLY A 23 -4.98 1.30 19.47
CA GLY A 23 -4.82 -0.06 19.98
C GLY A 23 -5.26 -1.08 18.97
N ALA A 24 -6.37 -0.80 18.29
CA ALA A 24 -6.89 -1.67 17.26
C ALA A 24 -6.22 -1.36 15.93
N ILE A 25 -5.15 -0.58 16.00
CA ILE A 25 -4.39 -0.19 14.83
C ILE A 25 -2.90 -0.16 15.11
N THR A 26 -2.25 -1.29 14.88
CA THR A 26 -0.82 -1.41 15.08
C THR A 26 -0.19 -1.93 13.79
N LYS A 27 1.00 -2.51 13.88
CA LYS A 27 1.62 -3.06 12.69
C LYS A 27 0.81 -4.24 12.20
N GLY A 28 0.27 -4.98 13.15
CA GLY A 28 -0.54 -6.15 12.85
C GLY A 28 -1.70 -5.83 11.92
N VAL A 29 -2.47 -4.79 12.25
CA VAL A 29 -3.61 -4.39 11.42
C VAL A 29 -3.13 -3.92 10.06
N VAL A 30 -2.00 -3.22 10.09
CA VAL A 30 -1.39 -2.69 8.89
C VAL A 30 -0.93 -3.81 7.96
N LEU A 31 -0.45 -4.90 8.53
CA LEU A 31 -0.02 -6.04 7.73
C LEU A 31 -1.22 -6.75 7.13
N ASP A 32 -2.20 -7.08 7.97
CA ASP A 32 -3.41 -7.75 7.49
C ASP A 32 -4.04 -6.92 6.37
N SER A 33 -3.91 -5.60 6.49
CA SER A 33 -4.44 -4.67 5.51
C SER A 33 -3.60 -4.69 4.23
N THR A 34 -2.28 -4.67 4.37
CA THR A 34 -1.39 -4.71 3.22
C THR A 34 -1.55 -6.03 2.46
N GLU A 35 -1.86 -7.09 3.20
CA GLU A 35 -2.05 -8.42 2.62
C GLU A 35 -3.35 -8.49 1.82
N ALA A 36 -4.46 -8.15 2.48
CA ALA A 36 -5.76 -8.17 1.84
C ALA A 36 -5.72 -7.50 0.46
N LEU A 37 -5.12 -6.33 0.40
CA LEU A 37 -5.02 -5.61 -0.87
C LEU A 37 -4.01 -6.29 -1.78
N CYS A 38 -2.92 -6.77 -1.21
CA CYS A 38 -1.89 -7.46 -1.97
C CYS A 38 -2.49 -8.62 -2.74
N LEU A 39 -3.44 -9.31 -2.12
CA LEU A 39 -4.12 -10.43 -2.74
C LEU A 39 -5.00 -9.93 -3.89
N ALA A 40 -5.66 -8.80 -3.67
CA ALA A 40 -6.50 -8.22 -4.70
C ALA A 40 -5.70 -8.02 -5.98
N ILE A 41 -4.50 -7.47 -5.83
CA ILE A 41 -3.63 -7.27 -6.98
C ILE A 41 -3.29 -8.61 -7.58
N SER A 42 -3.06 -9.59 -6.71
CA SER A 42 -2.75 -10.95 -7.14
C SER A 42 -3.95 -11.48 -7.93
N ARG A 43 -5.07 -10.80 -7.75
CA ARG A 43 -6.31 -11.16 -8.44
C ARG A 43 -6.63 -10.17 -9.56
N ASN A 44 -7.63 -9.32 -9.33
CA ASN A 44 -8.07 -8.33 -10.32
C ASN A 44 -8.08 -8.90 -11.74
N SER A 45 -8.11 -10.22 -11.82
CA SER A 45 -8.15 -10.93 -13.09
C SER A 45 -8.84 -12.28 -12.93
N GLU A 46 -8.95 -12.71 -11.67
CA GLU A 46 -9.59 -13.98 -11.36
C GLU A 46 -11.05 -13.95 -11.79
N GLN A 47 -11.63 -12.75 -11.84
CA GLN A 47 -13.02 -12.60 -12.25
C GLN A 47 -13.39 -11.12 -12.39
N MET A 48 -13.24 -10.38 -11.30
CA MET A 48 -13.56 -8.95 -11.30
C MET A 48 -12.60 -8.20 -10.38
N ALA A 49 -13.13 -7.65 -9.29
CA ALA A 49 -12.33 -6.91 -8.32
C ALA A 49 -11.90 -5.55 -8.85
N SER A 50 -11.39 -5.52 -10.08
CA SER A 50 -10.94 -4.28 -10.69
C SER A 50 -9.76 -3.68 -9.94
N HIS A 51 -9.08 -2.74 -10.59
CA HIS A 51 -7.94 -2.06 -9.98
C HIS A 51 -8.42 -1.28 -8.76
N SER A 52 -9.72 -1.04 -8.70
CA SER A 52 -10.33 -0.32 -7.60
C SER A 52 -10.32 -1.17 -6.33
N ALA A 53 -9.94 -2.44 -6.49
CA ALA A 53 -9.87 -3.36 -5.36
C ALA A 53 -8.59 -3.12 -4.57
N VAL A 54 -7.48 -3.03 -5.31
CA VAL A 54 -6.17 -2.78 -4.70
C VAL A 54 -6.05 -1.30 -4.35
N LEU A 55 -6.74 -0.47 -5.12
CA LEU A 55 -6.76 0.97 -4.91
C LEU A 55 -7.60 1.34 -3.69
N GLU A 56 -8.83 0.85 -3.63
CA GLU A 56 -9.71 1.12 -2.50
C GLU A 56 -9.11 0.56 -1.21
N ALA A 57 -8.72 -0.70 -1.28
CA ALA A 57 -8.10 -1.36 -0.15
C ALA A 57 -6.77 -0.71 0.11
N GLY A 58 -6.20 -0.15 -0.95
CA GLY A 58 -4.93 0.54 -0.87
C GLY A 58 -5.00 1.77 0.02
N LYS A 59 -6.03 2.58 -0.19
CA LYS A 59 -6.23 3.79 0.58
C LYS A 59 -6.43 3.47 2.05
N ASN A 60 -7.21 2.44 2.31
CA ASN A 60 -7.49 2.03 3.69
C ASN A 60 -6.20 1.69 4.42
N LEU A 61 -5.29 1.01 3.73
CA LEU A 61 -4.01 0.62 4.32
C LEU A 61 -3.17 1.84 4.66
N TYR A 62 -3.01 2.75 3.70
CA TYR A 62 -2.23 3.95 3.94
C TYR A 62 -2.81 4.68 5.13
N SER A 63 -4.12 4.51 5.31
CA SER A 63 -4.82 5.13 6.41
C SER A 63 -4.39 4.52 7.74
N PHE A 64 -4.45 3.19 7.88
CA PHE A 64 -4.06 2.57 9.14
C PHE A 64 -2.62 2.86 9.52
N CYS A 65 -1.73 2.77 8.53
CA CYS A 65 -0.33 3.04 8.75
C CYS A 65 -0.11 4.47 9.25
N VAL A 66 -0.68 5.43 8.53
CA VAL A 66 -0.57 6.84 8.87
C VAL A 66 -1.04 7.15 10.29
N SER A 67 -2.04 6.42 10.75
CA SER A 67 -2.56 6.65 12.09
C SER A 67 -1.85 5.77 13.10
N TYR A 68 -1.11 4.79 12.60
CA TYR A 68 -0.37 3.86 13.45
C TYR A 68 1.03 4.39 13.77
N VAL A 69 1.55 5.27 12.90
CA VAL A 69 2.88 5.83 13.11
C VAL A 69 2.90 6.79 14.30
N ASP A 70 1.72 7.16 14.78
CA ASP A 70 1.60 8.06 15.91
C ASP A 70 2.09 7.38 17.19
N SER A 71 2.41 6.09 17.08
CA SER A 71 2.89 5.31 18.20
C SER A 71 4.30 4.78 17.96
N ILE A 72 4.91 5.22 16.86
CA ILE A 72 6.27 4.80 16.50
C ILE A 72 7.23 4.89 17.69
N GLN A 73 6.91 5.76 18.64
CA GLN A 73 7.75 6.00 19.81
C GLN A 73 9.08 6.59 19.40
N GLN A 74 9.89 5.75 18.75
CA GLN A 74 11.20 6.15 18.29
C GLN A 74 11.09 7.41 17.48
N MET A 75 12.22 7.96 17.09
CA MET A 75 12.22 9.20 16.34
C MET A 75 13.28 9.18 15.24
N ARG A 76 14.27 8.30 15.39
CA ARG A 76 15.32 8.14 14.41
C ARG A 76 14.95 7.00 13.46
N ASN A 77 13.68 6.63 13.51
CA ASN A 77 13.14 5.54 12.70
C ASN A 77 11.89 5.99 11.95
N LYS A 78 11.15 6.91 12.55
CA LYS A 78 9.91 7.42 11.98
C LYS A 78 10.05 7.69 10.49
N PHE A 79 11.07 8.43 10.11
CA PHE A 79 11.28 8.77 8.71
C PHE A 79 11.34 7.50 7.86
N ALA A 80 12.10 6.52 8.32
CA ALA A 80 12.22 5.24 7.60
C ALA A 80 10.86 4.66 7.23
N PHE A 81 10.14 4.18 8.23
CA PHE A 81 8.82 3.57 8.03
C PHE A 81 7.82 4.55 7.43
N ARG A 82 7.76 5.77 7.97
CA ARG A 82 6.81 6.78 7.50
C ARG A 82 6.98 7.04 6.00
N GLU A 83 8.17 7.44 5.60
CA GLU A 83 8.44 7.72 4.19
C GLU A 83 7.98 6.54 3.32
N ALA A 84 8.16 5.32 3.83
CA ALA A 84 7.73 4.14 3.11
C ALA A 84 6.22 4.20 2.88
N ILE A 85 5.51 4.63 3.91
CA ILE A 85 4.05 4.78 3.84
C ILE A 85 3.71 5.81 2.78
N ASN A 86 4.48 6.90 2.79
CA ASN A 86 4.29 7.98 1.84
C ASN A 86 4.39 7.43 0.43
N LYS A 87 5.31 6.49 0.23
CA LYS A 87 5.48 5.85 -1.08
C LYS A 87 4.16 5.23 -1.52
N LEU A 88 3.52 4.48 -0.62
CA LEU A 88 2.25 3.86 -0.93
C LEU A 88 1.23 4.91 -1.33
N GLU A 89 1.30 6.06 -0.68
CA GLU A 89 0.39 7.17 -0.95
C GLU A 89 0.46 7.56 -2.42
N ASN A 90 1.66 7.94 -2.86
CA ASN A 90 1.89 8.34 -4.25
C ASN A 90 1.83 7.14 -5.17
N ASN A 91 1.80 5.94 -4.60
CA ASN A 91 1.74 4.72 -5.39
C ASN A 91 0.31 4.50 -5.85
N LEU A 92 -0.60 4.62 -4.91
CA LEU A 92 -2.02 4.49 -5.19
C LEU A 92 -2.43 5.62 -6.11
N ARG A 93 -1.79 6.77 -5.93
CA ARG A 93 -2.04 7.96 -6.73
C ARG A 93 -1.86 7.66 -8.22
N GLU A 94 -0.69 7.14 -8.58
CA GLU A 94 -0.42 6.80 -9.98
C GLU A 94 -1.19 5.54 -10.38
N LEU A 95 -1.60 4.77 -9.38
CA LEU A 95 -2.33 3.53 -9.58
C LEU A 95 -3.79 3.82 -9.96
N GLN A 96 -4.25 5.04 -9.69
CA GLN A 96 -5.62 5.42 -9.98
C GLN A 96 -5.98 5.12 -11.43
N ILE A 97 -7.26 5.20 -11.75
CA ILE A 97 -7.74 4.91 -13.08
C ILE A 97 -7.05 5.80 -14.12
N CYS A 98 -7.16 7.13 -13.94
CA CYS A 98 -6.56 8.09 -14.85
C CYS A 98 -7.09 7.95 -16.28
N PRO A 99 -7.25 9.08 -17.00
CA PRO A 99 -7.75 9.08 -18.37
C PRO A 99 -6.99 8.13 -19.29
N ALA A 100 -5.78 8.53 -19.66
CA ALA A 100 -4.94 7.73 -20.55
C ALA A 100 -3.47 7.92 -20.24
N THR A 101 -3.15 8.97 -19.47
CA THR A 101 -1.77 9.26 -19.11
C THR A 101 -1.10 8.05 -18.47
N ALA A 102 -1.90 7.20 -17.84
CA ALA A 102 -1.37 6.00 -17.19
C ALA A 102 -0.67 5.09 -18.19
N GLY A 103 -1.36 4.80 -19.29
CA GLY A 103 -0.78 3.94 -20.30
C GLY A 103 -1.80 3.46 -21.32
N SER A 104 -2.22 4.37 -22.21
CA SER A 104 -3.20 4.03 -23.24
C SER A 104 -2.52 3.67 -24.55
N GLY A 105 -2.59 2.39 -24.93
CA GLY A 105 -1.97 1.96 -26.17
C GLY A 105 -2.41 0.57 -26.58
N PRO A 106 -1.62 -0.47 -26.22
CA PRO A 106 -1.95 -1.85 -26.57
C PRO A 106 -3.34 -2.25 -26.11
N ALA A 107 -3.66 -1.93 -24.86
CA ALA A 107 -4.95 -2.26 -24.29
C ALA A 107 -5.20 -1.50 -22.98
N ALA A 108 -4.39 -1.82 -21.97
CA ALA A 108 -4.51 -1.18 -20.67
C ALA A 108 -3.25 -1.36 -19.83
N THR A 109 -2.68 -2.57 -19.90
CA THR A 109 -1.47 -2.90 -19.15
C THR A 109 -1.61 -2.56 -17.67
N GLN A 110 -1.76 -3.59 -16.86
CA GLN A 110 -1.91 -3.42 -15.43
C GLN A 110 -1.04 -4.38 -14.66
N ASP A 111 0.19 -3.96 -14.45
CA ASP A 111 1.17 -4.74 -13.71
C ASP A 111 1.62 -3.95 -12.50
N PHE A 112 0.91 -4.13 -11.38
CA PHE A 112 1.22 -3.40 -10.17
C PHE A 112 2.16 -4.18 -9.25
N SER A 113 3.18 -4.81 -9.83
CA SER A 113 4.13 -5.56 -9.03
C SER A 113 4.98 -4.60 -8.20
N LYS A 114 4.98 -3.32 -8.57
CA LYS A 114 5.72 -2.32 -7.82
C LYS A 114 5.07 -2.16 -6.46
N LEU A 115 3.75 -2.01 -6.47
CA LEU A 115 2.97 -1.89 -5.26
C LEU A 115 3.28 -3.08 -4.35
N LEU A 116 3.70 -4.19 -4.97
CA LEU A 116 4.04 -5.39 -4.25
C LEU A 116 5.34 -5.20 -3.47
N SER A 117 6.35 -4.67 -4.15
CA SER A 117 7.65 -4.42 -3.53
C SER A 117 7.55 -3.33 -2.46
N SER A 118 6.70 -2.34 -2.71
CA SER A 118 6.50 -1.23 -1.77
C SER A 118 5.95 -1.72 -0.44
N VAL A 119 4.99 -2.64 -0.51
CA VAL A 119 4.37 -3.19 0.69
C VAL A 119 5.39 -3.94 1.53
N LYS A 120 6.11 -4.84 0.89
CA LYS A 120 7.13 -5.63 1.57
C LYS A 120 8.10 -4.71 2.31
N GLU A 121 8.41 -3.57 1.69
CA GLU A 121 9.33 -2.60 2.27
C GLU A 121 8.84 -2.07 3.62
N ILE A 122 7.63 -1.51 3.63
CA ILE A 122 7.08 -0.94 4.86
C ILE A 122 7.13 -1.95 6.01
N SER A 123 6.54 -3.12 5.78
CA SER A 123 6.52 -4.18 6.78
C SER A 123 7.93 -4.52 7.24
N ASP A 124 8.86 -4.65 6.29
CA ASP A 124 10.25 -4.99 6.62
C ASP A 124 10.88 -3.94 7.54
N ILE A 125 10.38 -2.71 7.49
CA ILE A 125 10.94 -1.64 8.32
C ILE A 125 10.51 -1.77 9.78
N VAL A 126 9.20 -1.88 10.01
CA VAL A 126 8.68 -1.98 11.37
C VAL A 126 9.22 -3.19 12.12
N GLN A 127 9.39 -4.30 11.43
CA GLN A 127 9.90 -5.50 12.08
C GLN A 127 11.36 -5.33 12.45
N ARG A 128 12.20 -5.03 11.46
CA ARG A 128 13.62 -4.82 11.71
C ARG A 128 13.87 -3.38 12.11
N LEU A 129 13.09 -2.97 13.10
CA LEU A 129 13.13 -1.63 13.64
C LEU A 129 13.56 -1.66 15.10
N GLU A 130 12.61 -2.00 15.99
CA GLU A 130 12.86 -2.07 17.43
C GLU A 130 13.82 -0.97 17.89
N SER A 22 -9.38 -2.48 15.50
CA SER A 22 -8.44 -3.57 15.74
C SER A 22 -7.20 -3.09 16.48
N GLY A 23 -7.27 -3.10 17.80
CA GLY A 23 -6.13 -2.65 18.60
C GLY A 23 -5.67 -1.25 18.22
N ALA A 24 -6.64 -0.34 18.10
CA ALA A 24 -6.37 1.03 17.72
C ALA A 24 -5.42 1.12 16.53
N ILE A 25 -5.43 0.08 15.71
CA ILE A 25 -4.59 0.02 14.52
C ILE A 25 -3.10 0.00 14.86
N THR A 26 -2.49 -1.15 14.66
CA THR A 26 -1.07 -1.32 14.90
C THR A 26 -0.41 -1.82 13.61
N LYS A 27 0.77 -2.40 13.73
CA LYS A 27 1.43 -2.93 12.54
C LYS A 27 0.76 -4.22 12.11
N GLY A 28 0.22 -4.94 13.09
CA GLY A 28 -0.46 -6.19 12.82
C GLY A 28 -1.64 -5.98 11.88
N VAL A 29 -2.46 -4.97 12.18
CA VAL A 29 -3.61 -4.66 11.34
C VAL A 29 -3.13 -4.16 9.98
N VAL A 30 -2.05 -3.39 10.03
CA VAL A 30 -1.46 -2.82 8.84
C VAL A 30 -0.99 -3.92 7.88
N LEU A 31 -0.38 -4.96 8.41
CA LEU A 31 0.07 -6.07 7.59
C LEU A 31 -1.12 -6.82 6.99
N ASP A 32 -2.05 -7.19 7.86
CA ASP A 32 -3.26 -7.88 7.41
C ASP A 32 -3.92 -7.05 6.30
N SER A 33 -3.74 -5.73 6.40
CA SER A 33 -4.29 -4.81 5.42
C SER A 33 -3.49 -4.89 4.12
N THR A 34 -2.18 -4.74 4.20
CA THR A 34 -1.31 -4.83 3.02
C THR A 34 -1.52 -6.15 2.29
N GLU A 35 -1.89 -7.19 3.04
CA GLU A 35 -2.12 -8.49 2.48
C GLU A 35 -3.45 -8.53 1.73
N ALA A 36 -4.51 -8.09 2.38
CA ALA A 36 -5.84 -8.06 1.78
C ALA A 36 -5.80 -7.41 0.40
N LEU A 37 -5.12 -6.27 0.31
CA LEU A 37 -5.00 -5.57 -0.96
C LEU A 37 -4.06 -6.32 -1.89
N CYS A 38 -2.96 -6.83 -1.33
CA CYS A 38 -1.98 -7.58 -2.11
C CYS A 38 -2.66 -8.71 -2.85
N LEU A 39 -3.66 -9.30 -2.20
CA LEU A 39 -4.42 -10.40 -2.80
C LEU A 39 -5.34 -9.84 -3.87
N ALA A 40 -5.86 -8.64 -3.63
CA ALA A 40 -6.73 -7.99 -4.60
C ALA A 40 -5.99 -7.82 -5.93
N ILE A 41 -4.69 -7.53 -5.82
CA ILE A 41 -3.86 -7.37 -7.01
C ILE A 41 -3.62 -8.74 -7.62
N SER A 42 -3.57 -9.75 -6.75
CA SER A 42 -3.38 -11.12 -7.17
C SER A 42 -4.69 -11.67 -7.72
N ARG A 43 -5.78 -10.95 -7.43
CA ARG A 43 -7.11 -11.35 -7.88
C ARG A 43 -7.40 -10.77 -9.27
N ASN A 44 -6.59 -9.80 -9.68
CA ASN A 44 -6.76 -9.18 -10.99
C ASN A 44 -5.73 -9.75 -11.97
N SER A 45 -4.96 -10.72 -11.52
CA SER A 45 -3.94 -11.34 -12.36
C SER A 45 -4.29 -12.80 -12.69
N GLU A 46 -4.86 -13.50 -11.73
CA GLU A 46 -5.25 -14.90 -11.92
C GLU A 46 -6.76 -15.02 -12.11
N GLN A 47 -7.45 -13.89 -11.98
CA GLN A 47 -8.89 -13.85 -12.12
C GLN A 47 -9.29 -12.53 -12.78
N MET A 48 -10.47 -12.03 -12.42
CA MET A 48 -10.96 -10.78 -12.98
C MET A 48 -11.68 -9.96 -11.91
N ALA A 49 -10.91 -9.49 -10.93
CA ALA A 49 -11.48 -8.69 -9.85
C ALA A 49 -11.64 -7.23 -10.28
N SER A 50 -10.70 -6.39 -9.90
CA SER A 50 -10.75 -4.97 -10.25
C SER A 50 -9.52 -4.23 -9.72
N HIS A 51 -9.01 -3.30 -10.52
CA HIS A 51 -7.84 -2.52 -10.12
C HIS A 51 -8.24 -1.53 -9.03
N SER A 52 -9.54 -1.29 -8.93
CA SER A 52 -10.07 -0.36 -7.93
C SER A 52 -10.13 -1.05 -6.57
N ALA A 53 -9.93 -2.36 -6.57
CA ALA A 53 -9.95 -3.14 -5.34
C ALA A 53 -8.65 -2.94 -4.56
N VAL A 54 -7.53 -3.04 -5.28
CA VAL A 54 -6.22 -2.84 -4.68
C VAL A 54 -6.04 -1.37 -4.34
N LEU A 55 -6.76 -0.53 -5.08
CA LEU A 55 -6.74 0.91 -4.88
C LEU A 55 -7.56 1.29 -3.64
N GLU A 56 -8.77 0.75 -3.55
CA GLU A 56 -9.64 1.01 -2.40
C GLU A 56 -8.97 0.52 -1.14
N ALA A 57 -8.56 -0.74 -1.19
CA ALA A 57 -7.87 -1.36 -0.07
C ALA A 57 -6.54 -0.67 0.11
N GLY A 58 -6.03 -0.12 -0.99
CA GLY A 58 -4.77 0.58 -0.97
C GLY A 58 -4.81 1.82 -0.10
N LYS A 59 -5.84 2.64 -0.31
CA LYS A 59 -6.01 3.88 0.45
C LYS A 59 -6.15 3.58 1.92
N ASN A 60 -6.95 2.56 2.24
CA ASN A 60 -7.16 2.16 3.63
C ASN A 60 -5.84 1.80 4.29
N LEU A 61 -4.99 1.08 3.56
CA LEU A 61 -3.70 0.66 4.10
C LEU A 61 -2.89 1.88 4.51
N TYR A 62 -2.81 2.87 3.61
CA TYR A 62 -2.06 4.08 3.87
C TYR A 62 -2.62 4.81 5.09
N SER A 63 -3.92 4.72 5.28
CA SER A 63 -4.58 5.40 6.40
C SER A 63 -4.43 4.61 7.71
N PHE A 64 -4.08 3.33 7.62
CA PHE A 64 -3.93 2.53 8.84
C PHE A 64 -2.57 2.83 9.45
N CYS A 65 -1.57 2.86 8.59
CA CYS A 65 -0.22 3.18 9.04
C CYS A 65 -0.14 4.65 9.40
N VAL A 66 -1.00 5.45 8.78
CA VAL A 66 -1.04 6.89 9.04
C VAL A 66 -1.47 7.17 10.48
N SER A 67 -2.42 6.38 10.98
CA SER A 67 -2.88 6.56 12.35
C SER A 67 -2.06 5.69 13.31
N TYR A 68 -1.27 4.79 12.75
CA TYR A 68 -0.43 3.89 13.53
C TYR A 68 0.96 4.47 13.78
N VAL A 69 1.42 5.34 12.88
CA VAL A 69 2.73 5.96 13.02
C VAL A 69 2.81 6.83 14.28
N ASP A 70 1.65 7.05 14.90
CA ASP A 70 1.57 7.83 16.11
C ASP A 70 2.10 7.03 17.31
N SER A 71 2.66 5.86 17.01
CA SER A 71 3.21 4.99 18.05
C SER A 71 4.65 4.59 17.73
N ILE A 72 5.15 5.07 16.60
CA ILE A 72 6.52 4.80 16.16
C ILE A 72 7.52 4.85 17.31
N GLN A 73 7.22 5.69 18.30
CA GLN A 73 8.08 5.90 19.46
C GLN A 73 9.42 6.45 19.01
N GLN A 74 10.20 5.58 18.39
CA GLN A 74 11.50 5.94 17.89
C GLN A 74 11.37 7.22 17.09
N MET A 75 12.45 7.96 16.95
CA MET A 75 12.38 9.22 16.24
C MET A 75 13.34 9.29 15.06
N ARG A 76 14.50 8.67 15.19
CA ARG A 76 15.47 8.65 14.09
C ARG A 76 15.15 7.48 13.15
N ASN A 77 13.87 7.10 13.15
CA ASN A 77 13.38 6.01 12.33
C ASN A 77 12.11 6.41 11.58
N LYS A 78 11.35 7.34 12.17
CA LYS A 78 10.11 7.82 11.59
C LYS A 78 10.22 7.98 10.09
N PHE A 79 11.26 8.67 9.66
CA PHE A 79 11.45 8.91 8.24
C PHE A 79 11.50 7.58 7.48
N ALA A 80 12.28 6.65 7.98
CA ALA A 80 12.41 5.34 7.34
C ALA A 80 11.04 4.71 7.06
N PHE A 81 10.31 4.35 8.11
CA PHE A 81 9.00 3.71 7.97
C PHE A 81 7.94 4.63 7.38
N ARG A 82 7.81 5.84 7.93
CA ARG A 82 6.79 6.77 7.48
C ARG A 82 6.93 7.08 5.99
N GLU A 83 8.14 7.40 5.55
CA GLU A 83 8.38 7.68 4.14
C GLU A 83 7.99 6.47 3.29
N ALA A 84 8.26 5.27 3.81
CA ALA A 84 7.89 4.04 3.10
C ALA A 84 6.38 4.02 2.90
N ILE A 85 5.66 4.44 3.94
CA ILE A 85 4.21 4.51 3.87
C ILE A 85 3.81 5.46 2.76
N ASN A 86 4.52 6.58 2.71
CA ASN A 86 4.28 7.60 1.70
C ASN A 86 4.43 6.99 0.31
N LYS A 87 5.49 6.20 0.10
CA LYS A 87 5.73 5.55 -1.18
C LYS A 87 4.45 4.86 -1.63
N LEU A 88 3.81 4.15 -0.71
CA LEU A 88 2.56 3.47 -1.01
C LEU A 88 1.50 4.48 -1.43
N GLU A 89 1.48 5.62 -0.74
CA GLU A 89 0.49 6.67 -0.99
C GLU A 89 0.50 7.12 -2.45
N ASN A 90 1.63 7.64 -2.90
CA ASN A 90 1.75 8.08 -4.28
C ASN A 90 1.51 6.91 -5.23
N ASN A 91 1.94 5.73 -4.83
CA ASN A 91 1.70 4.55 -5.64
C ASN A 91 0.20 4.38 -5.83
N LEU A 92 -0.58 4.74 -4.79
CA LEU A 92 -2.02 4.66 -4.87
C LEU A 92 -2.51 5.77 -5.81
N ARG A 93 -1.88 6.94 -5.66
CA ARG A 93 -2.21 8.10 -6.47
C ARG A 93 -2.11 7.79 -7.96
N GLU A 94 -1.02 7.16 -8.37
CA GLU A 94 -0.82 6.81 -9.78
C GLU A 94 -1.62 5.56 -10.13
N LEU A 95 -1.93 4.75 -9.13
CA LEU A 95 -2.69 3.53 -9.33
C LEU A 95 -4.16 3.82 -9.60
N GLN A 96 -4.58 5.05 -9.29
CA GLN A 96 -5.97 5.45 -9.51
C GLN A 96 -6.42 5.14 -10.93
N ILE A 97 -7.72 5.14 -11.15
CA ILE A 97 -8.26 4.84 -12.47
C ILE A 97 -7.72 5.82 -13.51
N CYS A 98 -7.82 7.11 -13.22
CA CYS A 98 -7.33 8.16 -14.13
C CYS A 98 -8.06 8.11 -15.47
N PRO A 99 -8.37 9.30 -16.04
CA PRO A 99 -9.09 9.38 -17.32
C PRO A 99 -8.35 8.67 -18.45
N ALA A 100 -7.31 9.32 -18.98
CA ALA A 100 -6.52 8.75 -20.07
C ALA A 100 -5.34 9.65 -20.40
N THR A 101 -4.96 10.52 -19.48
CA THR A 101 -3.85 11.44 -19.67
C THR A 101 -2.62 10.70 -20.20
N ALA A 102 -2.25 9.62 -19.54
CA ALA A 102 -1.09 8.83 -19.95
C ALA A 102 -1.48 7.77 -20.98
N GLY A 103 -2.46 8.10 -21.82
CA GLY A 103 -2.91 7.18 -22.84
C GLY A 103 -3.55 5.94 -22.25
N SER A 104 -4.86 6.00 -22.03
CA SER A 104 -5.60 4.87 -21.45
C SER A 104 -6.84 4.55 -22.28
N GLY A 105 -6.77 3.47 -23.05
CA GLY A 105 -7.89 3.07 -23.87
C GLY A 105 -7.86 1.59 -24.22
N PRO A 106 -7.10 1.22 -25.26
CA PRO A 106 -6.99 -0.18 -25.67
C PRO A 106 -6.15 -1.00 -24.70
N ALA A 107 -6.29 -2.32 -24.77
CA ALA A 107 -5.54 -3.22 -23.89
C ALA A 107 -5.81 -2.91 -22.42
N ALA A 108 -5.02 -3.52 -21.54
CA ALA A 108 -5.17 -3.30 -20.10
C ALA A 108 -3.86 -2.82 -19.49
N THR A 109 -2.79 -3.60 -19.71
CA THR A 109 -1.47 -3.28 -19.16
C THR A 109 -1.58 -2.80 -17.73
N GLN A 110 -1.55 -3.77 -16.83
CA GLN A 110 -1.68 -3.48 -15.42
C GLN A 110 -0.85 -4.42 -14.55
N ASP A 111 0.42 -4.08 -14.39
CA ASP A 111 1.33 -4.87 -13.56
C ASP A 111 1.75 -4.06 -12.35
N PHE A 112 0.95 -4.12 -11.29
CA PHE A 112 1.21 -3.36 -10.08
C PHE A 112 2.22 -4.07 -9.17
N SER A 113 3.28 -4.60 -9.75
CA SER A 113 4.30 -5.28 -8.95
C SER A 113 5.05 -4.27 -8.08
N LYS A 114 4.89 -2.99 -8.41
CA LYS A 114 5.54 -1.94 -7.64
C LYS A 114 4.86 -1.84 -6.29
N LEU A 115 3.54 -2.04 -6.28
CA LEU A 115 2.77 -2.01 -5.06
C LEU A 115 3.21 -3.18 -4.19
N LEU A 116 3.75 -4.19 -4.84
CA LEU A 116 4.25 -5.39 -4.17
C LEU A 116 5.54 -5.08 -3.42
N SER A 117 6.47 -4.44 -4.11
CA SER A 117 7.75 -4.08 -3.52
C SER A 117 7.57 -3.04 -2.42
N SER A 118 6.61 -2.15 -2.62
CA SER A 118 6.33 -1.11 -1.65
C SER A 118 5.88 -1.69 -0.31
N VAL A 119 4.98 -2.67 -0.37
CA VAL A 119 4.46 -3.31 0.84
C VAL A 119 5.58 -3.98 1.63
N LYS A 120 6.31 -4.86 0.97
CA LYS A 120 7.41 -5.58 1.60
C LYS A 120 8.34 -4.63 2.34
N GLU A 121 8.58 -3.47 1.74
CA GLU A 121 9.48 -2.46 2.33
C GLU A 121 8.96 -1.94 3.67
N ILE A 122 7.73 -1.44 3.70
CA ILE A 122 7.16 -0.89 4.93
C ILE A 122 7.25 -1.89 6.07
N SER A 123 6.71 -3.08 5.85
CA SER A 123 6.76 -4.14 6.85
C SER A 123 8.19 -4.40 7.32
N ASP A 124 9.11 -4.51 6.37
CA ASP A 124 10.51 -4.77 6.69
C ASP A 124 11.06 -3.75 7.68
N ILE A 125 10.51 -2.54 7.65
CA ILE A 125 10.97 -1.47 8.56
C ILE A 125 10.40 -1.61 9.96
N VAL A 126 9.08 -1.74 10.08
CA VAL A 126 8.44 -1.85 11.40
C VAL A 126 8.98 -3.01 12.23
N GLN A 127 9.12 -4.16 11.60
CA GLN A 127 9.61 -5.36 12.28
C GLN A 127 10.88 -5.08 13.06
N ARG A 128 11.85 -4.45 12.43
CA ARG A 128 13.10 -4.12 13.09
C ARG A 128 12.90 -2.88 13.97
N LEU A 129 11.79 -2.19 13.74
CA LEU A 129 11.45 -0.99 14.50
C LEU A 129 10.81 -1.36 15.83
N GLU A 130 9.52 -1.71 15.80
CA GLU A 130 8.81 -2.09 17.01
C GLU A 130 9.45 -3.30 17.67
#